data_8PTT
#
_entry.id   8PTT
#
_cell.length_a   49.245
_cell.length_b   59.679
_cell.length_c   81.171
_cell.angle_alpha   78.789
_cell.angle_beta   81.715
_cell.angle_gamma   76.034
#
_symmetry.space_group_name_H-M   'P 1'
#
loop_
_entity.id
_entity.type
_entity.pdbx_description
1 polymer 'ADP-sugar pyrophosphatase'
2 non-polymer 6-[(5~{R})-7-[3-chloranyl-4-(trifluoromethyl)phenyl]-2,7-diazaspiro[4.4]nonan-2-yl]-7-methyl-purine
3 non-polymer 'MAGNESIUM ION'
4 water water
#
_entity_poly.entity_id   1
_entity_poly.type   'polypeptide(L)'
_entity_poly.pdbx_seq_one_letter_code
;MESQEPTESSQNGKQYIISEELISEGKWVKLEKTTYMDPTGKTRTWESVKRTTRKEQTADGVAVIPVLQRTLHYECIVLV
KQFRPPMGGYCIEFPAGLIDDGETPEAAALRELEEETGYKGDIAECSPAVCMDPGLSNCTIHIVTVTINGDDAENARPKP
KPGDGEFVEVISLPKNDLLQRLDALVAEEHLTVDARVYSYALALKHANAKPFEVPFLKF
;
_entity_poly.pdbx_strand_id   A,B,C,D
#
loop_
_chem_comp.id
_chem_comp.type
_chem_comp.name
_chem_comp.formula
F2V non-polymer 6-[(5~{R})-7-[3-chloranyl-4-(trifluoromethyl)phenyl]-2,7-diazaspiro[4.4]nonan-2-yl]-7-methyl-purine 'C20 H20 Cl F3 N6'
MG non-polymer 'MAGNESIUM ION' 'Mg 2'
#
# COMPACT_ATOMS: atom_id res chain seq x y z
N ASN A 12 40.18 15.03 25.17
CA ASN A 12 39.29 13.96 25.72
C ASN A 12 38.35 14.53 26.79
N GLY A 13 38.67 15.73 27.31
CA GLY A 13 37.90 16.36 28.37
C GLY A 13 36.43 16.55 28.01
N LYS A 14 35.59 16.70 29.05
CA LYS A 14 34.15 16.71 28.88
C LYS A 14 33.67 18.15 28.67
N GLN A 15 32.60 18.30 27.87
CA GLN A 15 32.14 19.61 27.43
C GLN A 15 30.97 20.08 28.28
N TYR A 16 30.83 21.41 28.41
CA TYR A 16 29.77 22.00 29.21
C TYR A 16 29.51 23.44 28.77
N ILE A 17 28.35 23.96 29.17
CA ILE A 17 27.95 25.34 28.94
C ILE A 17 28.73 26.24 29.89
N ILE A 18 29.23 27.38 29.38
CA ILE A 18 29.91 28.36 30.20
C ILE A 18 28.95 29.50 30.52
N SER A 19 28.32 30.07 29.48
CA SER A 19 27.32 31.11 29.67
C SER A 19 26.32 31.10 28.51
N GLU A 20 25.15 31.71 28.76
CA GLU A 20 24.11 31.83 27.75
C GLU A 20 23.62 33.28 27.75
N GLU A 21 24.05 34.04 26.72
CA GLU A 21 23.70 35.44 26.56
C GLU A 21 22.51 35.57 25.60
N LEU A 22 21.46 36.29 26.03
CA LEU A 22 20.31 36.56 25.19
C LEU A 22 20.69 37.50 24.05
N ILE A 23 20.20 37.21 22.84
CA ILE A 23 20.41 38.09 21.69
C ILE A 23 19.10 38.76 21.31
N SER A 24 18.02 37.97 21.25
CA SER A 24 16.72 38.46 20.85
C SER A 24 15.63 37.54 21.39
N GLU A 25 14.65 38.11 22.13
CA GLU A 25 13.57 37.32 22.69
C GLU A 25 12.23 37.79 22.13
N GLY A 26 11.48 36.84 21.54
CA GLY A 26 10.09 37.06 21.16
C GLY A 26 9.14 36.48 22.19
N LYS A 27 7.84 36.41 21.84
CA LYS A 27 6.85 35.84 22.73
C LYS A 27 6.94 34.32 22.75
N TRP A 28 7.49 33.73 21.68
CA TRP A 28 7.43 32.28 21.47
C TRP A 28 8.82 31.65 21.35
N VAL A 29 9.78 32.37 20.76
CA VAL A 29 11.10 31.80 20.51
C VAL A 29 12.15 32.90 20.73
N LYS A 30 13.36 32.48 21.10
CA LYS A 30 14.47 33.41 21.28
C LYS A 30 15.77 32.81 20.77
N LEU A 31 16.73 33.71 20.53
CA LEU A 31 18.04 33.36 20.05
C LEU A 31 19.06 33.77 21.13
N GLU A 32 19.93 32.81 21.51
CA GLU A 32 20.95 33.06 22.51
C GLU A 32 22.33 32.86 21.90
N LYS A 33 23.35 33.45 22.54
CA LYS A 33 24.73 33.16 22.25
C LYS A 33 25.29 32.29 23.38
N THR A 34 25.60 31.04 23.04
CA THR A 34 26.09 30.06 23.98
C THR A 34 27.61 30.04 23.91
N THR A 35 28.27 30.18 25.06
CA THR A 35 29.69 29.89 25.18
C THR A 35 29.82 28.55 25.88
N TYR A 36 30.72 27.69 25.36
CA TYR A 36 30.89 26.36 25.89
C TYR A 36 32.36 25.97 25.79
N MET A 37 32.76 25.01 26.64
CA MET A 37 34.12 24.49 26.68
C MET A 37 34.18 23.25 25.80
N ASP A 38 35.14 23.23 24.85
CA ASP A 38 35.33 22.07 23.99
C ASP A 38 36.25 21.09 24.71
N PRO A 39 36.49 19.88 24.16
CA PRO A 39 37.30 18.87 24.85
C PRO A 39 38.77 19.22 25.05
N THR A 40 39.32 20.05 24.15
CA THR A 40 40.73 20.43 24.21
C THR A 40 40.97 21.49 25.28
N GLY A 41 39.88 22.05 25.86
CA GLY A 41 39.98 23.06 26.91
C GLY A 41 39.85 24.48 26.37
N LYS A 42 39.51 24.60 25.07
CA LYS A 42 39.34 25.89 24.42
C LYS A 42 37.85 26.25 24.42
N THR A 43 37.56 27.53 24.69
CA THR A 43 36.18 28.01 24.71
C THR A 43 35.74 28.28 23.27
N ARG A 44 34.48 27.95 22.97
CA ARG A 44 33.87 28.22 21.68
C ARG A 44 32.48 28.82 21.90
N THR A 45 31.87 29.34 20.81
CA THR A 45 30.54 29.92 20.89
C THR A 45 29.60 29.23 19.90
N TRP A 46 28.31 29.48 20.09
CA TRP A 46 27.27 28.86 19.28
C TRP A 46 26.00 29.71 19.34
N GLU A 47 25.38 29.93 18.17
CA GLU A 47 24.10 30.60 18.08
C GLU A 47 22.99 29.57 18.29
N SER A 48 22.32 29.66 19.46
CA SER A 48 21.33 28.68 19.88
C SER A 48 19.93 29.25 19.81
N VAL A 49 18.96 28.38 19.48
CA VAL A 49 17.55 28.74 19.49
C VAL A 49 16.89 28.01 20.66
N LYS A 50 15.96 28.70 21.33
CA LYS A 50 15.18 28.12 22.42
C LYS A 50 13.75 28.63 22.35
N ARG A 51 12.80 27.80 22.79
CA ARG A 51 11.42 28.23 22.99
C ARG A 51 11.30 28.95 24.34
N THR A 52 10.37 29.91 24.41
CA THR A 52 10.18 30.71 25.62
C THR A 52 9.12 30.07 26.54
N THR A 53 8.40 29.06 26.04
CA THR A 53 7.22 28.55 26.71
C THR A 53 7.54 27.44 27.71
N ARG A 54 8.80 26.98 27.74
CA ARG A 54 9.21 25.86 28.57
C ARG A 54 9.22 26.28 30.04
N LYS A 55 8.88 25.35 30.94
CA LYS A 55 8.84 25.65 32.37
C LYS A 55 9.32 24.43 33.15
N GLU A 56 8.39 23.65 33.72
CA GLU A 56 8.74 22.50 34.55
C GLU A 56 8.46 21.19 33.81
N GLN A 57 8.09 21.29 32.53
CA GLN A 57 7.78 20.11 31.74
C GLN A 57 9.08 19.37 31.40
N THR A 58 8.96 18.04 31.25
CA THR A 58 10.10 17.20 30.89
C THR A 58 10.51 17.49 29.45
N ALA A 59 9.64 18.19 28.70
CA ALA A 59 9.90 18.54 27.33
C ALA A 59 8.99 19.70 26.92
N ASP A 60 9.32 20.34 25.79
CA ASP A 60 8.51 21.43 25.27
C ASP A 60 7.12 20.93 24.88
N GLY A 61 7.05 19.73 24.28
CA GLY A 61 5.84 19.29 23.61
C GLY A 61 5.77 17.78 23.45
N VAL A 62 4.72 17.34 22.74
CA VAL A 62 4.51 15.93 22.43
C VAL A 62 4.23 15.80 20.93
N ALA A 63 4.66 14.67 20.37
CA ALA A 63 4.22 14.20 19.06
C ALA A 63 3.54 12.85 19.25
N VAL A 64 2.44 12.62 18.52
CA VAL A 64 1.62 11.44 18.75
C VAL A 64 1.66 10.55 17.50
N ILE A 65 1.96 9.27 17.71
CA ILE A 65 1.90 8.25 16.68
C ILE A 65 0.58 7.50 16.87
N PRO A 66 -0.52 7.91 16.20
CA PRO A 66 -1.83 7.32 16.40
C PRO A 66 -2.11 6.18 15.42
N VAL A 67 -2.23 4.97 15.97
CA VAL A 67 -2.46 3.77 15.19
C VAL A 67 -3.95 3.45 15.26
N LEU A 68 -4.66 3.65 14.13
CA LEU A 68 -6.07 3.39 14.04
C LEU A 68 -6.27 1.91 13.74
N GLN A 69 -6.95 1.21 14.67
CA GLN A 69 -7.13 -0.23 14.60
C GLN A 69 -8.62 -0.55 14.45
N ARG A 70 -8.94 -1.35 13.42
CA ARG A 70 -10.30 -1.71 13.07
C ARG A 70 -10.33 -3.14 12.57
N THR A 71 -11.42 -3.86 12.86
CA THR A 71 -11.59 -5.24 12.42
C THR A 71 -11.74 -5.24 10.89
N LEU A 72 -10.97 -6.10 10.22
CA LEU A 72 -11.06 -6.31 8.79
C LEU A 72 -10.69 -5.03 8.03
N HIS A 73 -9.79 -4.23 8.64
CA HIS A 73 -9.13 -3.10 7.99
C HIS A 73 -7.64 -3.19 8.34
N TYR A 74 -6.79 -2.70 7.44
CA TYR A 74 -5.37 -2.58 7.75
C TYR A 74 -5.20 -1.44 8.74
N GLU A 75 -4.21 -1.57 9.63
CA GLU A 75 -3.88 -0.50 10.56
C GLU A 75 -3.51 0.74 9.77
N CYS A 76 -4.01 1.90 10.21
CA CYS A 76 -3.67 3.18 9.63
C CYS A 76 -2.83 3.98 10.62
N ILE A 77 -2.01 4.89 10.09
CA ILE A 77 -1.37 5.93 10.87
C ILE A 77 -2.12 7.23 10.59
N VAL A 78 -2.49 7.96 11.64
CA VAL A 78 -3.26 9.19 11.49
C VAL A 78 -2.29 10.37 11.52
N LEU A 79 -2.25 11.11 10.41
CA LEU A 79 -1.37 12.25 10.25
C LEU A 79 -2.22 13.49 10.07
N VAL A 80 -1.59 14.67 10.16
CA VAL A 80 -2.30 15.92 9.99
C VAL A 80 -1.55 16.82 9.01
N LYS A 81 -2.33 17.53 8.19
CA LYS A 81 -1.81 18.47 7.21
C LYS A 81 -2.18 19.88 7.69
N GLN A 82 -1.16 20.74 7.83
CA GLN A 82 -1.34 22.10 8.31
C GLN A 82 -0.45 23.05 7.53
N PHE A 83 -0.88 24.31 7.43
CA PHE A 83 0.00 25.38 6.99
C PHE A 83 0.98 25.70 8.12
N ARG A 84 2.27 25.76 7.77
CA ARG A 84 3.31 26.11 8.73
C ARG A 84 4.02 27.37 8.26
N PRO A 85 3.73 28.56 8.84
CA PRO A 85 4.35 29.81 8.41
C PRO A 85 5.86 29.74 8.23
N PRO A 86 6.64 29.12 9.15
CA PRO A 86 8.10 29.02 8.96
C PRO A 86 8.51 28.36 7.64
N MET A 87 7.72 27.37 7.21
CA MET A 87 7.99 26.62 5.99
C MET A 87 7.39 27.33 4.77
N GLY A 88 6.42 28.22 5.00
CA GLY A 88 5.71 28.89 3.91
C GLY A 88 4.92 27.90 3.05
N GLY A 89 4.26 26.94 3.69
CA GLY A 89 3.56 25.88 2.97
C GLY A 89 2.97 24.83 3.91
N TYR A 90 2.30 23.83 3.32
CA TYR A 90 1.61 22.80 4.07
C TYR A 90 2.58 21.66 4.38
N CYS A 91 2.39 21.04 5.55
CA CYS A 91 3.24 19.95 5.99
C CYS A 91 2.39 18.78 6.48
N ILE A 92 2.92 17.56 6.33
CA ILE A 92 2.30 16.36 6.86
C ILE A 92 3.07 15.96 8.12
N GLU A 93 2.36 15.94 9.25
CA GLU A 93 3.00 15.73 10.55
C GLU A 93 2.21 14.74 11.39
N PHE A 94 2.90 14.16 12.38
CA PHE A 94 2.24 13.56 13.53
C PHE A 94 1.53 14.68 14.30
N PRO A 95 0.33 14.43 14.87
CA PRO A 95 -0.30 15.41 15.74
C PRO A 95 0.67 15.78 16.87
N ALA A 96 0.78 17.09 17.15
CA ALA A 96 1.79 17.57 18.09
C ALA A 96 1.42 18.95 18.62
N GLY A 97 1.88 19.22 19.84
CA GLY A 97 1.78 20.56 20.42
C GLY A 97 2.54 20.66 21.74
N LEU A 98 2.52 21.86 22.33
CA LEU A 98 3.13 22.10 23.62
C LEU A 98 2.41 21.30 24.70
N ILE A 99 3.15 20.97 25.76
CA ILE A 99 2.58 20.45 26.99
C ILE A 99 2.22 21.64 27.88
N ASP A 100 0.96 21.71 28.33
CA ASP A 100 0.51 22.77 29.21
C ASP A 100 1.18 22.60 30.58
N ASP A 101 1.26 23.70 31.34
CA ASP A 101 1.83 23.68 32.68
C ASP A 101 1.08 22.67 33.55
N GLY A 102 1.83 21.72 34.11
CA GLY A 102 1.28 20.73 35.04
C GLY A 102 0.67 19.53 34.32
N GLU A 103 0.58 19.60 32.99
CA GLU A 103 0.02 18.52 32.19
C GLU A 103 1.06 17.42 32.08
N THR A 104 0.61 16.16 32.13
CA THR A 104 1.51 15.04 31.84
C THR A 104 1.67 14.93 30.32
N PRO A 105 2.81 14.40 29.83
CA PRO A 105 2.99 14.14 28.39
C PRO A 105 1.88 13.28 27.81
N GLU A 106 1.50 12.22 28.55
CA GLU A 106 0.43 11.34 28.11
C GLU A 106 -0.87 12.12 27.96
N ALA A 107 -1.20 12.95 28.96
CA ALA A 107 -2.44 13.73 28.93
C ALA A 107 -2.42 14.72 27.76
N ALA A 108 -1.24 15.28 27.46
CA ALA A 108 -1.09 16.21 26.35
C ALA A 108 -1.23 15.48 25.02
N ALA A 109 -0.65 14.29 24.92
CA ALA A 109 -0.74 13.50 23.71
C ALA A 109 -2.21 13.27 23.35
N LEU A 110 -2.99 12.77 24.32
CA LEU A 110 -4.39 12.45 24.10
C LEU A 110 -5.20 13.70 23.77
N ARG A 111 -4.95 14.80 24.50
CA ARG A 111 -5.66 16.06 24.26
C ARG A 111 -5.40 16.53 22.83
N GLU A 112 -4.12 16.64 22.46
CA GLU A 112 -3.73 17.12 21.13
C GLU A 112 -4.36 16.24 20.03
N LEU A 113 -4.35 14.93 20.23
CA LEU A 113 -4.91 14.01 19.24
C LEU A 113 -6.41 14.28 19.08
N GLU A 114 -7.12 14.49 20.18
CA GLU A 114 -8.56 14.66 20.12
C GLU A 114 -8.92 16.04 19.55
N GLU A 115 -8.13 17.07 19.91
CA GLU A 115 -8.37 18.42 19.43
C GLU A 115 -8.16 18.50 17.92
N GLU A 116 -7.10 17.84 17.42
CA GLU A 116 -6.68 18.00 16.04
C GLU A 116 -7.41 17.04 15.11
N THR A 117 -7.77 15.84 15.61
CA THR A 117 -8.29 14.78 14.77
C THR A 117 -9.70 14.34 15.18
N GLY A 118 -10.07 14.52 16.45
CA GLY A 118 -11.34 14.07 16.97
C GLY A 118 -11.31 12.64 17.51
N TYR A 119 -10.19 11.93 17.33
CA TYR A 119 -10.06 10.55 17.78
C TYR A 119 -9.73 10.52 19.27
N LYS A 120 -10.42 9.62 20.00
CA LYS A 120 -10.13 9.34 21.39
C LYS A 120 -9.21 8.11 21.46
N GLY A 121 -7.94 8.36 21.81
CA GLY A 121 -6.93 7.31 21.79
C GLY A 121 -6.75 6.64 23.15
N ASP A 122 -5.98 5.55 23.16
CA ASP A 122 -5.49 4.93 24.39
C ASP A 122 -3.97 4.87 24.33
N ILE A 123 -3.32 5.18 25.46
CA ILE A 123 -1.86 5.22 25.55
C ILE A 123 -1.33 3.81 25.32
N ALA A 124 -0.26 3.71 24.53
CA ALA A 124 0.47 2.45 24.37
C ALA A 124 1.82 2.54 25.07
N GLU A 125 2.59 3.57 24.71
CA GLU A 125 3.94 3.78 25.23
CA GLU A 125 3.92 3.79 25.27
C GLU A 125 4.28 5.26 25.11
N CYS A 126 5.21 5.73 25.97
CA CYS A 126 5.65 7.11 25.97
C CYS A 126 7.17 7.17 26.06
N SER A 127 7.79 7.92 25.14
CA SER A 127 9.25 7.98 25.05
C SER A 127 9.82 8.88 26.13
N PRO A 128 11.14 8.80 26.41
CA PRO A 128 11.85 9.90 27.07
C PRO A 128 11.88 11.12 26.17
N ALA A 129 12.22 12.28 26.74
CA ALA A 129 12.34 13.50 25.98
C ALA A 129 13.42 13.33 24.90
N VAL A 130 13.04 13.55 23.64
CA VAL A 130 13.95 13.44 22.51
C VAL A 130 14.05 14.82 21.85
N CYS A 131 15.18 15.09 21.19
CA CYS A 131 15.47 16.42 20.68
C CYS A 131 15.04 16.53 19.21
N MET A 132 14.48 17.69 18.86
CA MET A 132 13.88 17.92 17.55
C MET A 132 14.93 18.27 16.51
N ASP A 133 15.87 19.16 16.88
CA ASP A 133 16.92 19.60 15.98
C ASP A 133 18.04 20.13 16.86
N PRO A 134 18.88 19.25 17.43
CA PRO A 134 19.78 19.63 18.52
C PRO A 134 20.98 20.46 18.05
N GLY A 135 21.26 20.44 16.74
CA GLY A 135 22.25 21.33 16.16
C GLY A 135 21.78 22.78 16.06
N LEU A 136 20.47 23.01 16.24
CA LEU A 136 19.88 24.33 16.07
C LEU A 136 19.26 24.82 17.39
N SER A 137 18.39 23.99 17.98
CA SER A 137 17.57 24.41 19.11
C SER A 137 17.70 23.41 20.24
N ASN A 138 17.13 23.76 21.40
CA ASN A 138 17.01 22.85 22.53
C ASN A 138 15.65 22.16 22.55
N CYS A 139 14.82 22.39 21.51
CA CYS A 139 13.45 21.87 21.51
CA CYS A 139 13.45 21.87 21.52
C CYS A 139 13.46 20.36 21.73
N THR A 140 12.61 19.89 22.66
CA THR A 140 12.50 18.48 22.97
C THR A 140 11.01 18.09 23.05
N ILE A 141 10.76 16.79 22.82
CA ILE A 141 9.41 16.26 22.84
C ILE A 141 9.45 14.85 23.42
N HIS A 142 8.28 14.41 23.92
CA HIS A 142 8.00 13.00 24.11
C HIS A 142 7.20 12.51 22.89
N ILE A 143 7.65 11.40 22.30
CA ILE A 143 6.89 10.74 21.26
C ILE A 143 5.97 9.73 21.94
N VAL A 144 4.66 9.96 21.82
CA VAL A 144 3.67 9.18 22.55
C VAL A 144 2.91 8.29 21.56
N THR A 145 3.14 6.97 21.63
CA THR A 145 2.42 6.02 20.80
C THR A 145 1.04 5.79 21.42
N VAL A 146 0.01 5.90 20.58
CA VAL A 146 -1.38 5.81 21.01
C VAL A 146 -2.12 4.90 20.03
N THR A 147 -2.96 4.01 20.55
CA THR A 147 -3.86 3.23 19.69
C THR A 147 -5.23 3.89 19.68
N ILE A 148 -5.90 3.78 18.54
CA ILE A 148 -7.27 4.25 18.39
C ILE A 148 -8.13 3.04 18.02
N ASN A 149 -9.13 2.75 18.85
CA ASN A 149 -10.12 1.73 18.52
C ASN A 149 -11.13 2.38 17.58
N GLY A 150 -11.05 2.04 16.29
CA GLY A 150 -11.93 2.60 15.28
C GLY A 150 -13.34 2.01 15.31
N ASP A 151 -13.50 0.86 15.99
CA ASP A 151 -14.77 0.16 16.07
C ASP A 151 -15.64 0.72 17.20
N ASP A 152 -15.00 1.36 18.20
CA ASP A 152 -15.73 2.08 19.22
C ASP A 152 -16.53 3.21 18.56
N ALA A 153 -17.72 3.48 19.11
CA ALA A 153 -18.66 4.41 18.52
C ALA A 153 -18.17 5.85 18.67
N GLU A 154 -17.36 6.10 19.70
CA GLU A 154 -16.78 7.42 19.91
C GLU A 154 -15.91 7.81 18.73
N ASN A 155 -15.28 6.80 18.09
CA ASN A 155 -14.34 7.02 17.02
C ASN A 155 -14.96 6.67 15.65
N ALA A 156 -16.30 6.54 15.62
CA ALA A 156 -17.00 6.23 14.37
C ALA A 156 -16.92 7.42 13.43
N ARG A 157 -17.38 8.58 13.91
CA ARG A 157 -17.29 9.83 13.18
C ARG A 157 -16.64 10.87 14.10
N PRO A 158 -15.30 11.04 14.04
CA PRO A 158 -14.58 11.91 14.99
C PRO A 158 -14.83 13.39 14.73
N LYS A 159 -15.08 14.13 15.83
CA LYS A 159 -15.40 15.55 15.78
C LYS A 159 -14.21 16.33 16.35
N PRO A 160 -13.36 16.95 15.49
CA PRO A 160 -12.28 17.81 15.97
C PRO A 160 -12.76 19.05 16.72
N LYS A 161 -11.84 19.69 17.44
CA LYS A 161 -12.12 20.93 18.13
C LYS A 161 -10.82 21.74 18.23
N PRO A 162 -10.38 22.38 17.12
CA PRO A 162 -9.13 23.13 17.10
C PRO A 162 -9.26 24.47 17.81
N GLY A 163 -8.16 24.89 18.44
CA GLY A 163 -8.10 26.17 19.14
C GLY A 163 -8.01 27.34 18.18
N ASP A 164 -7.70 28.53 18.71
CA ASP A 164 -7.57 29.73 17.90
C ASP A 164 -6.29 29.64 17.07
N GLY A 165 -6.44 29.82 15.75
CA GLY A 165 -5.32 29.80 14.82
C GLY A 165 -4.89 28.40 14.41
N GLU A 166 -5.75 27.40 14.69
CA GLU A 166 -5.47 26.02 14.32
C GLU A 166 -6.39 25.62 13.16
N PHE A 167 -5.79 25.05 12.12
CA PHE A 167 -6.50 24.68 10.89
C PHE A 167 -5.89 23.40 10.35
N VAL A 168 -6.63 22.29 10.48
CA VAL A 168 -6.04 20.96 10.40
C VAL A 168 -6.87 20.09 9.44
N GLU A 169 -6.15 19.29 8.64
CA GLU A 169 -6.74 18.28 7.79
C GLU A 169 -6.20 16.92 8.23
N VAL A 170 -7.09 15.93 8.41
CA VAL A 170 -6.71 14.60 8.88
C VAL A 170 -6.48 13.71 7.65
N ILE A 171 -5.42 12.89 7.72
CA ILE A 171 -5.02 12.03 6.62
C ILE A 171 -4.56 10.69 7.18
N SER A 172 -5.40 9.66 7.05
CA SER A 172 -5.07 8.32 7.51
C SER A 172 -4.47 7.51 6.37
N LEU A 173 -3.20 7.11 6.53
CA LEU A 173 -2.51 6.28 5.56
C LEU A 173 -2.27 4.90 6.17
N PRO A 174 -2.34 3.79 5.40
CA PRO A 174 -2.07 2.46 5.93
C PRO A 174 -0.62 2.28 6.36
N LYS A 175 -0.44 1.55 7.45
CA LYS A 175 0.88 1.31 8.04
C LYS A 175 1.73 0.50 7.08
N ASN A 176 1.08 -0.44 6.37
CA ASN A 176 1.78 -1.44 5.56
C ASN A 176 2.27 -0.84 4.23
N ASP A 177 1.98 0.45 3.99
CA ASP A 177 2.37 1.08 2.74
C ASP A 177 2.58 2.59 2.95
N LEU A 178 3.09 2.97 4.12
CA LEU A 178 3.09 4.38 4.51
C LEU A 178 4.02 5.18 3.61
N LEU A 179 5.22 4.64 3.34
CA LEU A 179 6.24 5.37 2.62
C LEU A 179 5.78 5.72 1.22
N GLN A 180 5.20 4.75 0.50
CA GLN A 180 4.77 4.96 -0.89
C GLN A 180 3.57 5.90 -0.94
N ARG A 181 2.73 5.88 0.09
CA ARG A 181 1.56 6.74 0.13
C ARG A 181 1.98 8.19 0.37
N LEU A 182 3.06 8.39 1.15
CA LEU A 182 3.62 9.72 1.39
C LEU A 182 4.30 10.24 0.12
N ASP A 183 5.00 9.35 -0.60
CA ASP A 183 5.60 9.70 -1.88
C ASP A 183 4.54 10.17 -2.86
N ALA A 184 3.40 9.46 -2.88
CA ALA A 184 2.32 9.79 -3.79
C ALA A 184 1.74 11.17 -3.47
N LEU A 185 1.72 11.54 -2.18
CA LEU A 185 1.19 12.82 -1.73
C LEU A 185 2.13 13.97 -2.09
N VAL A 186 3.44 13.69 -2.10
CA VAL A 186 4.44 14.70 -2.44
C VAL A 186 4.44 14.91 -3.96
N ALA A 187 4.33 13.81 -4.71
CA ALA A 187 4.29 13.87 -6.16
C ALA A 187 3.05 14.63 -6.62
N GLU A 188 1.95 14.51 -5.86
CA GLU A 188 0.64 14.98 -6.27
C GLU A 188 0.53 16.50 -6.13
N GLU A 189 1.02 17.04 -5.01
CA GLU A 189 0.86 18.46 -4.69
C GLU A 189 2.14 18.99 -4.03
N HIS A 190 2.17 20.30 -3.77
CA HIS A 190 3.28 20.93 -3.09
C HIS A 190 3.06 20.81 -1.58
N LEU A 191 4.02 20.13 -0.94
CA LEU A 191 3.85 19.52 0.38
C LEU A 191 5.22 19.14 0.89
N THR A 192 5.42 19.26 2.21
CA THR A 192 6.60 18.69 2.84
C THR A 192 6.16 17.71 3.92
N VAL A 193 6.74 16.49 3.86
CA VAL A 193 6.59 15.52 4.91
C VAL A 193 7.58 15.87 6.04
N ASP A 194 7.15 15.65 7.28
CA ASP A 194 7.97 15.88 8.46
C ASP A 194 9.04 14.81 8.53
N ALA A 195 10.20 15.16 9.11
CA ALA A 195 11.34 14.26 9.16
C ALA A 195 11.05 13.04 10.05
N ARG A 196 10.29 13.23 11.12
CA ARG A 196 9.94 12.15 12.03
CA ARG A 196 9.94 12.15 12.02
C ARG A 196 8.97 11.20 11.33
N VAL A 197 8.00 11.76 10.58
CA VAL A 197 7.05 10.95 9.83
C VAL A 197 7.81 10.08 8.83
N TYR A 198 8.74 10.68 8.09
CA TYR A 198 9.43 9.99 7.02
C TYR A 198 10.33 8.91 7.59
N SER A 199 10.98 9.19 8.73
CA SER A 199 11.87 8.23 9.37
C SER A 199 11.09 7.01 9.86
N TYR A 200 9.87 7.26 10.36
CA TYR A 200 8.98 6.20 10.80
C TYR A 200 8.62 5.32 9.59
N ALA A 201 8.24 5.96 8.48
CA ALA A 201 7.82 5.23 7.27
C ALA A 201 8.99 4.45 6.67
N LEU A 202 10.22 4.99 6.76
CA LEU A 202 11.41 4.32 6.27
C LEU A 202 11.65 3.02 7.04
N ALA A 203 11.56 3.12 8.38
CA ALA A 203 11.81 1.97 9.23
C ALA A 203 10.80 0.86 8.95
N LEU A 204 9.54 1.24 8.74
CA LEU A 204 8.49 0.26 8.45
C LEU A 204 8.86 -0.54 7.21
N LYS A 205 9.35 0.15 6.18
CA LYS A 205 9.79 -0.49 4.94
C LYS A 205 11.00 -1.37 5.22
N HIS A 206 12.00 -0.81 5.91
CA HIS A 206 13.26 -1.48 6.16
C HIS A 206 13.08 -2.71 7.06
N ALA A 207 11.99 -2.75 7.83
CA ALA A 207 11.75 -3.84 8.77
C ALA A 207 11.24 -5.09 8.05
N ASN A 208 10.51 -4.90 6.94
CA ASN A 208 9.93 -6.00 6.18
C ASN A 208 10.99 -6.65 5.28
N GLY B 13 -9.64 30.45 1.94
CA GLY B 13 -9.32 29.12 2.50
C GLY B 13 -7.82 28.83 2.50
N LYS B 14 -7.14 29.17 1.40
CA LYS B 14 -5.74 28.84 1.23
C LYS B 14 -4.86 29.87 1.93
N GLN B 15 -3.86 29.37 2.67
CA GLN B 15 -2.96 30.19 3.46
C GLN B 15 -1.68 30.41 2.67
N TYR B 16 -1.07 31.59 2.86
CA TYR B 16 0.14 31.96 2.16
C TYR B 16 0.90 33.00 2.99
N ILE B 17 2.17 33.23 2.62
CA ILE B 17 3.03 34.23 3.25
C ILE B 17 2.77 35.59 2.59
N ILE B 18 2.52 36.61 3.41
CA ILE B 18 2.37 37.96 2.90
C ILE B 18 3.74 38.63 2.85
N SER B 19 4.46 38.66 3.98
CA SER B 19 5.80 39.23 4.03
C SER B 19 6.57 38.73 5.25
N GLU B 20 7.90 38.87 5.18
CA GLU B 20 8.80 38.44 6.23
C GLU B 20 9.67 39.62 6.65
N GLU B 21 9.79 39.82 7.97
CA GLU B 21 10.59 40.89 8.52
C GLU B 21 11.73 40.27 9.32
N LEU B 22 12.96 40.71 9.03
CA LEU B 22 14.13 40.28 9.78
C LEU B 22 14.11 40.92 11.17
N ILE B 23 14.16 40.08 12.21
CA ILE B 23 14.32 40.57 13.57
C ILE B 23 15.79 40.54 13.96
N SER B 24 16.46 39.40 13.71
CA SER B 24 17.83 39.22 14.16
C SER B 24 18.52 38.20 13.27
N GLU B 25 19.74 38.54 12.80
CA GLU B 25 20.52 37.67 11.95
C GLU B 25 21.92 37.49 12.52
N GLY B 26 22.29 36.24 12.80
CA GLY B 26 23.65 35.89 13.17
C GLY B 26 24.42 35.35 11.97
N LYS B 27 25.56 34.71 12.24
CA LYS B 27 26.41 34.11 11.24
CA LYS B 27 26.38 34.15 11.19
C LYS B 27 25.75 32.85 10.68
N TRP B 28 24.97 32.17 11.53
CA TRP B 28 24.46 30.84 11.20
C TRP B 28 22.93 30.77 11.18
N VAL B 29 22.25 31.57 12.01
CA VAL B 29 20.81 31.48 12.13
C VAL B 29 20.22 32.89 12.22
N LYS B 30 18.94 33.01 11.84
CA LYS B 30 18.23 34.28 11.95
C LYS B 30 16.81 34.06 12.44
N LEU B 31 16.26 35.11 13.05
CA LEU B 31 14.89 35.13 13.54
C LEU B 31 14.09 36.10 12.68
N GLU B 32 12.93 35.65 12.19
CA GLU B 32 12.05 36.46 11.37
C GLU B 32 10.65 36.47 11.96
N LYS B 33 9.93 37.58 11.73
CA LYS B 33 8.49 37.63 11.99
C LYS B 33 7.78 37.49 10.66
N THR B 34 6.96 36.43 10.55
CA THR B 34 6.27 36.10 9.31
C THR B 34 4.82 36.55 9.42
N THR B 35 4.36 37.33 8.42
CA THR B 35 2.96 37.68 8.30
C THR B 35 2.32 36.77 7.25
N TYR B 36 1.20 36.14 7.61
CA TYR B 36 0.57 35.16 6.74
C TYR B 36 -0.95 35.28 6.85
N MET B 37 -1.64 34.81 5.81
CA MET B 37 -3.10 34.88 5.74
C MET B 37 -3.68 33.53 6.17
N ASP B 38 -4.50 33.53 7.23
CA ASP B 38 -5.12 32.31 7.71
C ASP B 38 -6.33 32.01 6.83
N PRO B 39 -6.96 30.81 6.98
CA PRO B 39 -8.06 30.40 6.08
C PRO B 39 -9.30 31.30 6.10
N THR B 40 -9.53 32.01 7.21
CA THR B 40 -10.71 32.82 7.38
C THR B 40 -10.55 34.21 6.74
N GLY B 41 -9.35 34.51 6.21
CA GLY B 41 -9.09 35.81 5.60
C GLY B 41 -8.49 36.82 6.59
N LYS B 42 -8.02 36.31 7.74
CA LYS B 42 -7.42 37.10 8.80
C LYS B 42 -5.90 36.95 8.73
N THR B 43 -5.16 38.08 8.80
CA THR B 43 -3.71 38.03 8.72
C THR B 43 -3.15 37.88 10.14
N ARG B 44 -2.18 36.97 10.28
CA ARG B 44 -1.56 36.67 11.56
C ARG B 44 -0.04 36.79 11.41
N THR B 45 0.67 36.79 12.56
CA THR B 45 2.12 36.82 12.56
C THR B 45 2.66 35.55 13.21
N TRP B 46 3.97 35.32 13.03
CA TRP B 46 4.61 34.11 13.53
C TRP B 46 6.12 34.31 13.59
N GLU B 47 6.71 33.98 14.74
CA GLU B 47 8.15 34.08 14.93
C GLU B 47 8.81 32.82 14.36
N SER B 48 9.55 32.99 13.25
CA SER B 48 10.12 31.86 12.50
C SER B 48 11.65 31.88 12.59
N VAL B 49 12.23 30.69 12.44
CA VAL B 49 13.68 30.51 12.48
C VAL B 49 14.14 30.00 11.12
N LYS B 50 15.33 30.44 10.70
CA LYS B 50 15.95 30.00 9.45
C LYS B 50 17.46 29.96 9.62
N ARG B 51 18.10 29.03 8.90
CA ARG B 51 19.55 29.04 8.74
CA ARG B 51 19.55 29.05 8.75
C ARG B 51 19.91 30.08 7.70
N THR B 52 21.12 30.65 7.80
CA THR B 52 21.56 31.68 6.87
C THR B 52 22.36 31.04 5.72
N THR B 53 22.52 29.71 5.76
CA THR B 53 23.49 29.02 4.93
C THR B 53 22.83 28.36 3.71
N ARG B 54 21.50 28.47 3.57
CA ARG B 54 20.81 27.83 2.46
C ARG B 54 21.02 28.66 1.19
N LYS B 55 21.21 27.96 0.07
CA LYS B 55 21.56 28.58 -1.21
C LYS B 55 20.68 27.95 -2.29
N GLU B 56 21.29 27.30 -3.29
CA GLU B 56 20.54 26.76 -4.42
C GLU B 56 20.15 25.31 -4.15
N GLN B 57 20.40 24.84 -2.92
CA GLN B 57 20.21 23.45 -2.54
C GLN B 57 18.73 23.21 -2.27
N THR B 58 18.33 21.93 -2.41
CA THR B 58 16.96 21.50 -2.19
C THR B 58 16.62 21.53 -0.69
N ALA B 59 17.67 21.42 0.14
CA ALA B 59 17.51 21.35 1.59
C ALA B 59 18.76 21.93 2.24
N ASP B 60 18.71 22.11 3.57
CA ASP B 60 19.84 22.63 4.31
C ASP B 60 20.89 21.53 4.48
N GLY B 61 20.44 20.32 4.84
CA GLY B 61 21.35 19.29 5.28
C GLY B 61 20.96 17.88 4.82
N VAL B 62 21.77 16.91 5.25
CA VAL B 62 21.45 15.50 5.08
C VAL B 62 21.62 14.82 6.44
N ALA B 63 20.72 13.88 6.73
CA ALA B 63 20.91 12.91 7.79
C ALA B 63 21.11 11.55 7.15
N VAL B 64 22.02 10.75 7.70
CA VAL B 64 22.41 9.48 7.10
C VAL B 64 22.01 8.34 8.05
N ILE B 65 21.21 7.41 7.52
CA ILE B 65 20.91 6.16 8.22
C ILE B 65 21.92 5.11 7.74
N PRO B 66 23.02 4.87 8.49
CA PRO B 66 24.06 3.96 8.05
C PRO B 66 23.83 2.55 8.61
N VAL B 67 23.46 1.63 7.70
CA VAL B 67 23.22 0.23 8.04
C VAL B 67 24.53 -0.54 7.81
N LEU B 68 25.14 -0.98 8.91
CA LEU B 68 26.44 -1.65 8.86
C LEU B 68 26.22 -3.16 8.77
N GLN B 69 26.66 -3.77 7.67
CA GLN B 69 26.39 -5.16 7.37
C GLN B 69 27.70 -5.96 7.39
N ARG B 70 27.84 -6.79 8.43
CA ARG B 70 28.88 -7.80 8.51
C ARG B 70 28.21 -9.17 8.57
N THR B 71 28.75 -10.16 7.86
CA THR B 71 28.20 -11.51 7.93
C THR B 71 28.48 -12.13 9.29
N LEU B 72 27.55 -12.97 9.73
CA LEU B 72 27.63 -13.70 10.99
C LEU B 72 27.50 -12.73 12.18
N HIS B 73 26.98 -11.53 11.90
CA HIS B 73 26.73 -10.51 12.90
C HIS B 73 25.35 -9.92 12.66
N TYR B 74 24.78 -9.30 13.70
CA TYR B 74 23.59 -8.49 13.53
C TYR B 74 23.92 -7.28 12.67
N GLU B 75 22.95 -6.82 11.86
CA GLU B 75 23.01 -5.50 11.27
C GLU B 75 23.02 -4.46 12.39
N CYS B 76 23.89 -3.45 12.26
CA CYS B 76 23.92 -2.33 13.18
C CYS B 76 23.54 -1.04 12.46
N ILE B 77 22.89 -0.14 13.21
CA ILE B 77 22.76 1.26 12.82
C ILE B 77 23.93 2.01 13.46
N VAL B 78 24.62 2.82 12.66
CA VAL B 78 25.75 3.62 13.14
C VAL B 78 25.22 5.01 13.51
N LEU B 79 25.41 5.39 14.78
CA LEU B 79 25.01 6.70 15.27
C LEU B 79 26.24 7.41 15.79
N VAL B 80 26.11 8.73 16.01
CA VAL B 80 27.18 9.53 16.58
C VAL B 80 26.67 10.20 17.84
N LYS B 81 27.57 10.32 18.83
CA LYS B 81 27.30 11.04 20.06
C LYS B 81 28.16 12.32 20.06
N GLN B 82 27.49 13.47 20.15
CA GLN B 82 28.14 14.78 20.11
C GLN B 82 27.60 15.66 21.22
N PHE B 83 28.42 16.61 21.71
CA PHE B 83 27.94 17.67 22.56
C PHE B 83 27.22 18.69 21.68
N ARG B 84 25.95 18.99 22.02
CA ARG B 84 25.17 19.94 21.24
C ARG B 84 24.93 21.20 22.07
N PRO B 85 25.69 22.30 21.82
CA PRO B 85 25.56 23.52 22.62
C PRO B 85 24.12 23.99 22.83
N PRO B 86 23.24 23.99 21.79
CA PRO B 86 21.85 24.38 22.02
C PRO B 86 21.17 23.55 23.11
N MET B 87 21.49 22.25 23.14
CA MET B 87 20.87 21.32 24.08
C MET B 87 21.62 21.36 25.41
N GLY B 88 22.87 21.82 25.38
CA GLY B 88 23.72 21.88 26.57
C GLY B 88 24.01 20.50 27.15
N GLY B 89 24.13 19.50 26.27
CA GLY B 89 24.37 18.12 26.68
C GLY B 89 24.74 17.24 25.48
N TYR B 90 24.98 15.95 25.74
CA TYR B 90 25.34 15.03 24.68
C TYR B 90 24.08 14.42 24.07
N CYS B 91 24.11 14.26 22.75
CA CYS B 91 22.99 13.72 21.98
C CYS B 91 23.47 12.58 21.10
N ILE B 92 22.58 11.61 20.86
CA ILE B 92 22.81 10.52 19.92
C ILE B 92 21.98 10.79 18.66
N GLU B 93 22.67 10.82 17.51
CA GLU B 93 22.06 11.25 16.26
C GLU B 93 22.51 10.36 15.11
N PHE B 94 21.74 10.36 14.02
CA PHE B 94 22.22 9.95 12.72
C PHE B 94 23.31 10.95 12.29
N PRO B 95 24.44 10.49 11.71
CA PRO B 95 25.41 11.41 11.12
C PRO B 95 24.69 12.40 10.20
N ALA B 96 24.96 13.69 10.38
CA ALA B 96 24.25 14.73 9.66
C ALA B 96 25.16 15.93 9.44
N GLY B 97 24.75 16.83 8.55
CA GLY B 97 25.50 18.04 8.28
C GLY B 97 24.95 18.81 7.07
N LEU B 98 25.51 20.01 6.86
CA LEU B 98 25.12 20.87 5.75
C LEU B 98 25.58 20.29 4.42
N ILE B 99 24.72 20.43 3.42
CA ILE B 99 25.06 20.17 2.03
C ILE B 99 25.91 21.35 1.53
N ASP B 100 27.08 21.05 0.96
CA ASP B 100 27.96 22.09 0.44
C ASP B 100 27.36 22.64 -0.86
N ASP B 101 27.77 23.87 -1.19
CA ASP B 101 27.32 24.56 -2.40
C ASP B 101 27.70 23.73 -3.62
N GLY B 102 26.68 23.33 -4.41
CA GLY B 102 26.89 22.58 -5.64
C GLY B 102 26.97 21.07 -5.43
N GLU B 103 26.97 20.62 -4.17
CA GLU B 103 27.09 19.22 -3.83
C GLU B 103 25.70 18.59 -3.82
N THR B 104 25.60 17.34 -4.29
CA THR B 104 24.35 16.61 -4.30
C THR B 104 24.07 16.05 -2.92
N PRO B 105 22.79 15.82 -2.54
CA PRO B 105 22.45 15.16 -1.28
C PRO B 105 23.20 13.84 -1.08
N GLU B 106 23.19 13.01 -2.13
CA GLU B 106 23.84 11.71 -2.07
C GLU B 106 25.32 11.86 -1.72
N ALA B 107 25.98 12.87 -2.29
CA ALA B 107 27.42 13.04 -2.10
C ALA B 107 27.71 13.58 -0.71
N ALA B 108 26.86 14.50 -0.22
CA ALA B 108 27.00 15.07 1.11
C ALA B 108 26.80 13.98 2.17
N ALA B 109 25.92 13.00 1.87
CA ALA B 109 25.69 11.89 2.78
C ALA B 109 26.96 11.08 2.98
N LEU B 110 27.54 10.60 1.87
CA LEU B 110 28.73 9.77 1.91
C LEU B 110 29.89 10.50 2.59
N ARG B 111 30.04 11.81 2.29
CA ARG B 111 31.13 12.59 2.83
C ARG B 111 30.96 12.73 4.35
N GLU B 112 29.77 13.16 4.78
CA GLU B 112 29.46 13.32 6.20
C GLU B 112 29.69 12.00 6.94
N LEU B 113 29.21 10.91 6.34
CA LEU B 113 29.39 9.59 6.95
C LEU B 113 30.88 9.32 7.17
N GLU B 114 31.71 9.61 6.15
CA GLU B 114 33.12 9.32 6.22
C GLU B 114 33.83 10.27 7.17
N GLU B 115 33.42 11.54 7.20
CA GLU B 115 34.04 12.52 8.09
C GLU B 115 33.78 12.12 9.55
N GLU B 116 32.55 11.69 9.84
CA GLU B 116 32.13 11.52 11.22
C GLU B 116 32.47 10.12 11.74
N THR B 117 32.39 9.10 10.88
CA THR B 117 32.55 7.73 11.32
C THR B 117 33.73 7.02 10.64
N GLY B 118 34.13 7.48 9.45
CA GLY B 118 35.19 6.83 8.69
C GLY B 118 34.65 5.81 7.69
N TYR B 119 33.40 5.39 7.84
CA TYR B 119 32.84 4.34 7.00
C TYR B 119 32.65 4.88 5.58
N LYS B 120 33.04 4.05 4.60
CA LYS B 120 32.76 4.30 3.19
C LYS B 120 31.56 3.45 2.78
N GLY B 121 30.49 4.12 2.33
CA GLY B 121 29.20 3.47 2.16
C GLY B 121 28.70 3.58 0.73
N ASP B 122 27.55 2.92 0.48
CA ASP B 122 26.89 2.93 -0.81
C ASP B 122 25.48 3.46 -0.61
N ILE B 123 25.05 4.38 -1.48
CA ILE B 123 23.70 4.92 -1.41
C ILE B 123 22.71 3.77 -1.57
N ALA B 124 21.67 3.77 -0.73
CA ALA B 124 20.54 2.86 -0.88
C ALA B 124 19.33 3.61 -1.40
N GLU B 125 18.99 4.71 -0.71
N GLU B 125 18.96 4.71 -0.73
CA GLU B 125 17.81 5.52 -1.00
CA GLU B 125 17.87 5.54 -1.17
C GLU B 125 18.08 6.95 -0.58
C GLU B 125 18.01 6.93 -0.55
N CYS B 126 17.34 7.90 -1.17
CA CYS B 126 17.43 9.31 -0.80
C CYS B 126 16.03 9.92 -0.78
N SER B 127 15.62 10.44 0.38
CA SER B 127 14.29 10.98 0.56
C SER B 127 14.15 12.31 -0.17
N PRO B 128 12.92 12.79 -0.44
CA PRO B 128 12.70 14.19 -0.79
C PRO B 128 13.06 15.05 0.43
N ALA B 129 13.00 16.37 0.26
CA ALA B 129 13.32 17.28 1.35
C ALA B 129 12.24 17.20 2.41
N VAL B 130 12.65 16.90 3.65
CA VAL B 130 11.73 16.76 4.77
C VAL B 130 12.09 17.79 5.83
N CYS B 131 11.07 18.28 6.56
CA CYS B 131 11.24 19.41 7.45
C CYS B 131 11.62 18.92 8.85
N MET B 132 12.49 19.67 9.50
CA MET B 132 13.10 19.24 10.76
C MET B 132 12.18 19.61 11.93
N ASP B 133 11.64 20.84 11.92
CA ASP B 133 10.72 21.27 12.97
C ASP B 133 9.85 22.39 12.41
N PRO B 134 8.79 22.05 11.62
CA PRO B 134 8.10 23.04 10.79
C PRO B 134 7.33 24.08 11.60
N GLY B 135 7.00 23.75 12.86
CA GLY B 135 6.42 24.71 13.77
C GLY B 135 7.40 25.83 14.11
N LEU B 136 8.70 25.51 14.14
CA LEU B 136 9.72 26.42 14.63
C LEU B 136 10.47 27.07 13.46
N SER B 137 10.82 26.27 12.44
CA SER B 137 11.82 26.66 11.46
C SER B 137 11.46 26.14 10.07
N ASN B 138 12.25 26.60 9.09
CA ASN B 138 12.14 26.17 7.70
C ASN B 138 13.21 25.14 7.36
N CYS B 139 13.94 24.63 8.36
CA CYS B 139 15.03 23.71 8.12
C CYS B 139 14.53 22.41 7.51
N THR B 140 15.17 21.98 6.42
CA THR B 140 14.87 20.72 5.76
C THR B 140 16.15 19.92 5.58
N ILE B 141 15.99 18.60 5.45
CA ILE B 141 17.09 17.70 5.15
C ILE B 141 16.61 16.68 4.12
N HIS B 142 17.58 16.01 3.48
CA HIS B 142 17.34 14.73 2.83
C HIS B 142 17.80 13.63 3.79
N ILE B 143 16.92 12.65 4.03
CA ILE B 143 17.29 11.46 4.77
C ILE B 143 17.84 10.47 3.75
N VAL B 144 19.10 10.06 3.95
CA VAL B 144 19.79 9.20 3.01
C VAL B 144 20.12 7.88 3.71
N THR B 145 19.55 6.78 3.21
CA THR B 145 19.85 5.45 3.71
C THR B 145 21.11 4.93 3.02
N VAL B 146 22.11 4.56 3.83
CA VAL B 146 23.39 4.10 3.31
C VAL B 146 23.70 2.74 3.91
N THR B 147 24.14 1.80 3.06
CA THR B 147 24.63 0.51 3.52
C THR B 147 26.16 0.56 3.58
N ILE B 148 26.73 0.00 4.66
CA ILE B 148 28.16 -0.08 4.83
C ILE B 148 28.58 -1.54 4.78
N ASN B 149 29.42 -1.89 3.80
CA ASN B 149 29.97 -3.23 3.70
C ASN B 149 31.13 -3.33 4.68
N GLY B 150 30.85 -3.87 5.88
CA GLY B 150 31.81 -3.92 6.95
C GLY B 150 32.80 -5.09 6.83
N ASP B 151 32.75 -5.82 5.71
CA ASP B 151 33.68 -6.91 5.45
C ASP B 151 34.74 -6.47 4.44
N ASP B 152 34.47 -5.36 3.73
CA ASP B 152 35.43 -4.73 2.85
C ASP B 152 36.60 -4.24 3.69
N ALA B 153 37.79 -4.18 3.07
CA ALA B 153 38.99 -3.73 3.76
C ALA B 153 38.90 -2.23 4.04
N GLU B 154 38.23 -1.49 3.14
CA GLU B 154 37.91 -0.08 3.34
C GLU B 154 37.47 0.21 4.77
N ASN B 155 36.55 -0.64 5.26
CA ASN B 155 35.82 -0.36 6.49
C ASN B 155 36.35 -1.23 7.63
N ALA B 156 37.51 -1.88 7.41
CA ALA B 156 38.13 -2.72 8.42
C ALA B 156 38.52 -1.88 9.63
N ARG B 157 39.26 -0.79 9.39
CA ARG B 157 39.65 0.14 10.43
C ARG B 157 39.27 1.55 9.98
N PRO B 158 38.02 1.98 10.22
CA PRO B 158 37.49 3.22 9.64
C PRO B 158 38.18 4.45 10.23
N LYS B 159 38.45 5.45 9.38
CA LYS B 159 39.29 6.58 9.73
C LYS B 159 38.47 7.87 9.69
N PRO B 160 37.94 8.35 10.85
CA PRO B 160 37.25 9.63 10.89
C PRO B 160 38.15 10.80 10.51
N LYS B 161 37.60 11.76 9.74
CA LYS B 161 38.31 12.97 9.36
C LYS B 161 37.49 14.17 9.78
N PRO B 162 37.42 14.48 11.10
CA PRO B 162 36.58 15.58 11.59
C PRO B 162 37.19 16.95 11.31
N GLY B 163 36.33 17.92 11.00
CA GLY B 163 36.73 19.30 10.85
C GLY B 163 36.93 19.99 12.20
N ASP B 164 37.29 21.28 12.16
CA ASP B 164 37.53 22.06 13.36
C ASP B 164 36.23 22.17 14.15
N GLY B 165 36.31 21.83 15.44
CA GLY B 165 35.20 21.94 16.36
C GLY B 165 34.23 20.77 16.28
N GLU B 166 34.63 19.69 15.59
CA GLU B 166 33.82 18.48 15.49
C GLU B 166 34.42 17.39 16.37
N PHE B 167 33.74 17.10 17.49
CA PHE B 167 34.18 16.09 18.44
C PHE B 167 33.13 14.99 18.49
N VAL B 168 33.44 13.84 17.88
CA VAL B 168 32.44 12.85 17.53
C VAL B 168 32.86 11.49 18.07
N GLU B 169 31.90 10.82 18.74
CA GLU B 169 32.06 9.47 19.23
C GLU B 169 31.12 8.57 18.44
N VAL B 170 31.63 7.46 17.91
CA VAL B 170 30.84 6.57 17.07
C VAL B 170 30.22 5.49 17.95
N ILE B 171 28.94 5.18 17.67
CA ILE B 171 28.16 4.23 18.45
C ILE B 171 27.32 3.40 17.49
N SER B 172 27.58 2.08 17.46
CA SER B 172 26.87 1.15 16.59
C SER B 172 25.95 0.25 17.43
N LEU B 173 24.64 0.44 17.27
CA LEU B 173 23.64 -0.32 17.98
C LEU B 173 22.96 -1.29 17.02
N PRO B 174 22.59 -2.53 17.46
CA PRO B 174 21.89 -3.48 16.61
C PRO B 174 20.49 -3.01 16.19
N LYS B 175 20.21 -3.20 14.90
CA LYS B 175 18.94 -2.82 14.30
C LYS B 175 17.77 -3.54 14.96
N ASN B 176 17.98 -4.83 15.27
N ASN B 176 17.96 -4.84 15.26
CA ASN B 176 16.90 -5.73 15.68
CA ASN B 176 16.85 -5.70 15.66
C ASN B 176 16.41 -5.39 17.10
C ASN B 176 16.42 -5.42 17.10
N ASP B 177 17.19 -4.61 17.85
CA ASP B 177 16.80 -4.25 19.21
C ASP B 177 17.07 -2.77 19.49
N LEU B 178 16.99 -1.93 18.44
CA LEU B 178 17.52 -0.58 18.52
C LEU B 178 16.81 0.24 19.60
N LEU B 179 15.48 0.11 19.71
CA LEU B 179 14.69 0.93 20.63
C LEU B 179 15.09 0.67 22.09
N GLN B 180 15.25 -0.60 22.47
CA GLN B 180 15.62 -0.96 23.84
C GLN B 180 17.02 -0.43 24.17
N ARG B 181 17.96 -0.57 23.23
CA ARG B 181 19.34 -0.16 23.43
C ARG B 181 19.43 1.35 23.60
N LEU B 182 18.58 2.10 22.90
CA LEU B 182 18.57 3.55 23.01
C LEU B 182 18.04 3.99 24.38
N ASP B 183 16.98 3.31 24.85
CA ASP B 183 16.39 3.60 26.16
C ASP B 183 17.38 3.29 27.27
N ALA B 184 18.18 2.23 27.07
CA ALA B 184 19.22 1.87 28.02
C ALA B 184 20.27 2.98 28.13
N LEU B 185 20.66 3.54 26.97
CA LEU B 185 21.64 4.63 26.90
C LEU B 185 21.14 5.86 27.66
N VAL B 186 19.85 6.19 27.49
CA VAL B 186 19.27 7.37 28.12
C VAL B 186 19.30 7.22 29.64
N ALA B 187 18.92 6.04 30.14
CA ALA B 187 18.87 5.79 31.57
C ALA B 187 20.28 5.73 32.16
N GLU B 188 21.21 5.08 31.44
CA GLU B 188 22.56 4.87 31.93
C GLU B 188 23.37 6.16 31.87
N GLU B 189 23.40 6.81 30.69
CA GLU B 189 24.39 7.82 30.39
C GLU B 189 23.80 9.24 30.46
N HIS B 190 22.48 9.34 30.59
CA HIS B 190 21.77 10.61 30.68
C HIS B 190 22.00 11.42 29.39
N LEU B 191 21.89 10.72 28.25
CA LEU B 191 21.95 11.31 26.92
C LEU B 191 20.54 11.71 26.46
N THR B 192 20.50 12.52 25.40
CA THR B 192 19.25 12.77 24.68
C THR B 192 19.33 12.10 23.32
N VAL B 193 18.32 11.29 23.00
CA VAL B 193 18.24 10.63 21.69
C VAL B 193 17.52 11.57 20.73
N ASP B 194 17.98 11.58 19.48
CA ASP B 194 17.39 12.39 18.42
C ASP B 194 16.01 11.84 18.07
N ALA B 195 15.08 12.74 17.74
CA ALA B 195 13.68 12.39 17.52
C ALA B 195 13.54 11.52 16.27
N ARG B 196 14.33 11.80 15.22
CA ARG B 196 14.31 11.04 13.99
CA ARG B 196 14.30 11.04 14.00
C ARG B 196 14.84 9.63 14.25
N VAL B 197 15.88 9.52 15.09
CA VAL B 197 16.44 8.23 15.45
C VAL B 197 15.39 7.44 16.22
N TYR B 198 14.68 8.11 17.14
CA TYR B 198 13.70 7.43 17.98
C TYR B 198 12.49 7.00 17.14
N SER B 199 12.06 7.85 16.20
CA SER B 199 10.95 7.52 15.33
C SER B 199 11.28 6.27 14.51
N TYR B 200 12.50 6.25 13.95
CA TYR B 200 13.00 5.10 13.20
C TYR B 200 12.97 3.87 14.10
N ALA B 201 13.55 3.97 15.30
CA ALA B 201 13.61 2.87 16.25
C ALA B 201 12.21 2.34 16.56
N LEU B 202 11.27 3.25 16.83
CA LEU B 202 9.90 2.87 17.16
C LEU B 202 9.28 2.04 16.04
N ALA B 203 9.39 2.55 14.82
CA ALA B 203 8.75 1.92 13.67
C ALA B 203 9.26 0.49 13.47
N LEU B 204 10.56 0.26 13.70
CA LEU B 204 11.12 -1.07 13.57
C LEU B 204 10.37 -2.05 14.46
N LYS B 205 10.06 -1.63 15.70
CA LYS B 205 9.32 -2.47 16.63
C LYS B 205 7.86 -2.60 16.21
N HIS B 206 7.27 -1.52 15.70
CA HIS B 206 5.84 -1.46 15.41
C HIS B 206 5.48 -2.16 14.10
N ALA B 207 6.48 -2.48 13.26
CA ALA B 207 6.25 -3.14 11.99
C ALA B 207 5.65 -4.54 12.23
N ASN B 208 4.78 -4.97 11.30
CA ASN B 208 4.07 -6.24 11.41
C ASN B 208 4.46 -7.18 10.27
N GLY C 13 -21.50 -11.23 14.03
CA GLY C 13 -20.07 -11.44 14.31
C GLY C 13 -19.25 -11.60 13.03
N LYS C 14 -17.91 -11.60 13.19
CA LYS C 14 -16.99 -11.80 12.08
C LYS C 14 -16.79 -13.30 11.88
N GLN C 15 -16.88 -13.74 10.62
CA GLN C 15 -16.75 -15.14 10.26
C GLN C 15 -15.27 -15.50 10.18
N TYR C 16 -14.95 -16.78 10.38
CA TYR C 16 -13.56 -17.24 10.35
C TYR C 16 -13.49 -18.74 10.12
N ILE C 17 -12.30 -19.20 9.71
CA ILE C 17 -12.04 -20.60 9.44
C ILE C 17 -11.66 -21.29 10.74
N ILE C 18 -12.33 -22.42 11.04
CA ILE C 18 -12.08 -23.21 12.23
C ILE C 18 -10.99 -24.24 11.93
N SER C 19 -11.21 -25.04 10.87
CA SER C 19 -10.26 -26.08 10.49
C SER C 19 -10.41 -26.42 9.02
N GLU C 20 -9.36 -27.06 8.48
CA GLU C 20 -9.33 -27.50 7.09
C GLU C 20 -8.76 -28.93 7.04
N GLU C 21 -9.65 -29.88 6.77
CA GLU C 21 -9.29 -31.30 6.70
C GLU C 21 -9.08 -31.70 5.24
N LEU C 22 -7.96 -32.38 4.97
CA LEU C 22 -7.65 -32.87 3.64
C LEU C 22 -8.51 -34.10 3.34
N ILE C 23 -9.17 -34.08 2.17
CA ILE C 23 -10.00 -35.18 1.72
C ILE C 23 -9.23 -36.00 0.69
N SER C 24 -8.66 -35.31 -0.31
CA SER C 24 -7.94 -35.96 -1.39
C SER C 24 -6.91 -35.00 -1.98
N GLU C 25 -5.72 -35.52 -2.28
CA GLU C 25 -4.61 -34.68 -2.72
C GLU C 25 -3.92 -35.30 -3.92
N GLY C 26 -3.91 -34.57 -5.04
CA GLY C 26 -3.16 -34.95 -6.23
C GLY C 26 -1.84 -34.19 -6.31
N LYS C 27 -1.19 -34.27 -7.47
CA LYS C 27 0.08 -33.60 -7.70
C LYS C 27 -0.16 -32.10 -7.92
N TRP C 28 -1.36 -31.75 -8.41
CA TRP C 28 -1.64 -30.40 -8.89
C TRP C 28 -2.78 -29.74 -8.12
N VAL C 29 -3.77 -30.53 -7.66
CA VAL C 29 -4.95 -29.98 -7.00
C VAL C 29 -5.29 -30.86 -5.80
N LYS C 30 -5.96 -30.27 -4.80
CA LYS C 30 -6.43 -31.01 -3.63
C LYS C 30 -7.82 -30.54 -3.24
N LEU C 31 -8.58 -31.44 -2.62
CA LEU C 31 -9.93 -31.18 -2.18
C LEU C 31 -9.95 -31.23 -0.64
N GLU C 32 -10.62 -30.26 -0.01
CA GLU C 32 -10.59 -30.11 1.43
C GLU C 32 -12.00 -29.97 1.99
N LYS C 33 -12.12 -30.25 3.29
CA LYS C 33 -13.34 -30.03 4.07
C LYS C 33 -13.09 -28.85 5.01
N THR C 34 -13.65 -27.69 4.64
CA THR C 34 -13.52 -26.50 5.45
C THR C 34 -14.67 -26.45 6.46
N THR C 35 -14.34 -26.20 7.73
CA THR C 35 -15.34 -25.88 8.74
C THR C 35 -15.12 -24.43 9.17
N TYR C 36 -16.21 -23.67 9.25
CA TYR C 36 -16.13 -22.23 9.52
C TYR C 36 -17.30 -21.81 10.40
N MET C 37 -17.21 -20.59 10.94
CA MET C 37 -18.23 -20.04 11.83
C MET C 37 -18.97 -18.93 11.09
N ASP C 38 -20.31 -18.98 11.12
CA ASP C 38 -21.14 -18.01 10.42
C ASP C 38 -21.41 -16.83 11.35
N PRO C 39 -22.13 -15.78 10.91
CA PRO C 39 -22.37 -14.59 11.74
C PRO C 39 -23.28 -14.83 12.94
N THR C 40 -24.17 -15.83 12.85
CA THR C 40 -25.11 -16.13 13.91
C THR C 40 -24.46 -17.00 14.99
N GLY C 41 -23.26 -17.52 14.71
CA GLY C 41 -22.54 -18.36 15.66
C GLY C 41 -22.76 -19.86 15.41
N LYS C 42 -23.25 -20.20 14.21
CA LYS C 42 -23.47 -21.58 13.81
C LYS C 42 -22.25 -22.06 13.01
N THR C 43 -21.82 -23.29 13.29
CA THR C 43 -20.70 -23.92 12.59
C THR C 43 -21.23 -24.64 11.35
N ARG C 44 -20.80 -24.19 10.17
CA ARG C 44 -21.15 -24.83 8.91
C ARG C 44 -19.87 -25.39 8.28
N THR C 45 -20.03 -26.14 7.18
CA THR C 45 -18.91 -26.72 6.47
C THR C 45 -18.95 -26.33 4.98
N TRP C 46 -17.81 -26.52 4.31
CA TRP C 46 -17.68 -26.20 2.90
C TRP C 46 -16.69 -27.13 2.23
N GLU C 47 -17.04 -27.58 1.02
CA GLU C 47 -16.15 -28.38 0.19
C GLU C 47 -15.30 -27.44 -0.68
N SER C 48 -14.01 -27.36 -0.34
CA SER C 48 -13.12 -26.34 -0.87
C SER C 48 -12.05 -26.96 -1.74
N VAL C 49 -11.58 -26.20 -2.74
CA VAL C 49 -10.56 -26.66 -3.66
C VAL C 49 -9.35 -25.73 -3.52
N LYS C 50 -8.14 -26.30 -3.62
CA LYS C 50 -6.92 -25.53 -3.67
C LYS C 50 -5.90 -26.21 -4.58
N ARG C 51 -5.03 -25.40 -5.21
CA ARG C 51 -3.88 -25.92 -5.93
CA ARG C 51 -3.88 -25.92 -5.93
C ARG C 51 -2.79 -26.27 -4.92
N THR C 52 -1.93 -27.22 -5.28
CA THR C 52 -0.89 -27.70 -4.39
C THR C 52 0.41 -26.90 -4.58
N THR C 53 0.45 -26.07 -5.62
CA THR C 53 1.68 -25.46 -6.10
C THR C 53 1.97 -24.13 -5.42
N ARG C 54 1.00 -23.63 -4.63
CA ARG C 54 1.14 -22.39 -3.90
C ARG C 54 2.36 -22.47 -2.98
N LYS C 55 3.14 -21.38 -2.91
CA LYS C 55 4.33 -21.33 -2.07
C LYS C 55 4.50 -19.91 -1.51
N GLN C 57 4.24 -17.11 -2.94
CA GLN C 57 3.84 -16.05 -3.91
C GLN C 57 2.71 -15.21 -3.31
N THR C 58 2.35 -14.13 -4.00
CA THR C 58 1.21 -13.31 -3.63
C THR C 58 -0.07 -13.89 -4.24
N ALA C 59 0.09 -14.81 -5.21
CA ALA C 59 -1.03 -15.46 -5.87
C ALA C 59 -0.54 -16.70 -6.62
N ASP C 60 -1.47 -17.54 -7.06
CA ASP C 60 -1.15 -18.78 -7.73
C ASP C 60 -0.51 -18.52 -9.09
N GLY C 61 -1.04 -17.54 -9.84
CA GLY C 61 -0.62 -17.34 -11.22
C GLY C 61 -0.87 -15.93 -11.72
N VAL C 62 -0.66 -15.73 -13.03
CA VAL C 62 -0.98 -14.48 -13.70
C VAL C 62 -1.85 -14.77 -14.92
N ALA C 63 -2.75 -13.83 -15.24
CA ALA C 63 -3.40 -13.77 -16.53
C ALA C 63 -2.95 -12.50 -17.24
N VAL C 64 -2.49 -12.62 -18.49
CA VAL C 64 -1.92 -11.50 -19.21
C VAL C 64 -2.95 -10.96 -20.21
N ILE C 65 -3.21 -9.65 -20.16
CA ILE C 65 -4.00 -8.97 -21.17
C ILE C 65 -3.02 -8.32 -22.16
N PRO C 66 -2.71 -8.97 -23.30
CA PRO C 66 -1.72 -8.46 -24.25
C PRO C 66 -2.37 -7.59 -25.32
N VAL C 67 -2.03 -6.29 -25.29
CA VAL C 67 -2.58 -5.32 -26.23
C VAL C 67 -1.54 -5.09 -27.31
N LEU C 68 -1.86 -5.52 -28.53
CA LEU C 68 -0.96 -5.39 -29.67
C LEU C 68 -1.14 -3.99 -30.27
N GLN C 69 -0.08 -3.18 -30.21
CA GLN C 69 -0.18 -1.78 -30.59
C GLN C 69 0.63 -1.53 -31.86
N ARG C 70 -0.05 -0.98 -32.87
CA ARG C 70 0.55 -0.71 -34.17
C ARG C 70 0.17 0.70 -34.61
N THR C 71 1.09 1.35 -35.34
CA THR C 71 0.96 2.73 -35.76
C THR C 71 -0.29 2.93 -36.61
N LEU C 72 -0.54 2.00 -37.53
CA LEU C 72 -1.53 2.18 -38.58
C LEU C 72 -2.89 1.60 -38.18
N HIS C 73 -2.94 0.89 -37.05
CA HIS C 73 -4.09 0.05 -36.74
C HIS C 73 -4.66 0.39 -35.37
N TYR C 74 -5.91 -0.02 -35.16
CA TYR C 74 -6.50 -0.12 -33.84
C TYR C 74 -5.89 -1.32 -33.13
N GLU C 75 -5.90 -1.28 -31.79
CA GLU C 75 -5.28 -2.30 -30.97
C GLU C 75 -5.98 -3.64 -31.15
N CYS C 76 -5.21 -4.73 -31.11
CA CYS C 76 -5.74 -6.07 -31.01
C CYS C 76 -5.53 -6.60 -29.60
N ILE C 77 -6.39 -7.52 -29.17
CA ILE C 77 -6.17 -8.28 -27.95
C ILE C 77 -5.75 -9.68 -28.36
N VAL C 78 -4.61 -10.14 -27.81
CA VAL C 78 -4.00 -11.40 -28.19
C VAL C 78 -4.48 -12.48 -27.22
N LEU C 79 -5.20 -13.46 -27.75
CA LEU C 79 -5.75 -14.56 -26.96
C LEU C 79 -5.14 -15.88 -27.42
N VAL C 80 -5.43 -16.95 -26.67
CA VAL C 80 -4.89 -18.26 -26.96
C VAL C 80 -6.01 -19.30 -26.91
N LYS C 81 -5.96 -20.24 -27.86
CA LYS C 81 -6.89 -21.36 -27.92
C LYS C 81 -6.14 -22.63 -27.52
N GLN C 82 -6.67 -23.36 -26.54
CA GLN C 82 -6.07 -24.58 -26.04
C GLN C 82 -7.14 -25.60 -25.69
N PHE C 83 -6.78 -26.88 -25.79
CA PHE C 83 -7.57 -27.96 -25.23
C PHE C 83 -7.40 -27.95 -23.70
N ARG C 84 -8.54 -27.94 -22.99
CA ARG C 84 -8.54 -28.01 -21.54
C ARG C 84 -9.24 -29.31 -21.13
N PRO C 85 -8.50 -30.34 -20.67
CA PRO C 85 -9.11 -31.61 -20.24
C PRO C 85 -10.28 -31.48 -19.27
N PRO C 86 -10.21 -30.63 -18.22
CA PRO C 86 -11.36 -30.44 -17.34
C PRO C 86 -12.64 -30.10 -18.10
N MET C 87 -12.51 -29.21 -19.10
CA MET C 87 -13.64 -28.75 -19.89
C MET C 87 -14.01 -29.80 -20.93
N GLY C 88 -13.04 -30.61 -21.34
CA GLY C 88 -13.24 -31.61 -22.39
C GLY C 88 -13.37 -30.97 -23.76
N GLY C 89 -12.78 -29.77 -23.93
CA GLY C 89 -12.92 -29.00 -25.15
C GLY C 89 -11.92 -27.86 -25.21
N TYR C 90 -12.02 -27.05 -26.28
CA TYR C 90 -11.11 -25.94 -26.50
C TYR C 90 -11.69 -24.70 -25.85
N CYS C 91 -10.79 -23.83 -25.37
CA CYS C 91 -11.17 -22.60 -24.69
C CYS C 91 -10.32 -21.46 -25.24
N ILE C 92 -10.93 -20.26 -25.36
CA ILE C 92 -10.20 -19.04 -25.67
C ILE C 92 -9.96 -18.29 -24.36
N GLU C 93 -8.68 -18.03 -24.06
CA GLU C 93 -8.26 -17.47 -22.79
C GLU C 93 -7.23 -16.37 -23.00
N PHE C 94 -7.04 -15.56 -21.96
CA PHE C 94 -5.84 -14.78 -21.79
C PHE C 94 -4.66 -15.73 -21.55
N PRO C 95 -3.50 -15.51 -22.21
CA PRO C 95 -2.27 -16.20 -21.83
C PRO C 95 -2.12 -16.21 -20.32
N ALA C 96 -1.96 -17.39 -19.73
CA ALA C 96 -1.94 -17.49 -18.28
C ALA C 96 -1.08 -18.67 -17.84
N GLY C 97 -0.58 -18.59 -16.60
CA GLY C 97 0.24 -19.66 -16.03
C GLY C 97 0.57 -19.42 -14.56
N LEU C 98 1.29 -20.39 -13.98
CA LEU C 98 1.75 -20.35 -12.62
C LEU C 98 2.95 -19.40 -12.50
N ILE C 99 3.04 -18.69 -11.38
CA ILE C 99 4.21 -17.90 -11.04
C ILE C 99 5.26 -18.84 -10.47
N ASP C 100 6.46 -18.86 -11.08
CA ASP C 100 7.57 -19.68 -10.60
C ASP C 100 8.03 -19.19 -9.24
N ASP C 101 8.70 -20.08 -8.51
CA ASP C 101 9.24 -19.77 -7.19
C ASP C 101 10.25 -18.64 -7.31
N GLY C 102 10.00 -17.54 -6.57
CA GLY C 102 10.93 -16.41 -6.52
C GLY C 102 10.70 -15.40 -7.64
N GLU C 103 9.80 -15.74 -8.58
CA GLU C 103 9.53 -14.92 -9.75
C GLU C 103 8.47 -13.88 -9.37
N THR C 104 8.56 -12.68 -9.95
CA THR C 104 7.56 -11.65 -9.76
C THR C 104 6.39 -11.92 -10.70
N PRO C 105 5.16 -11.44 -10.39
CA PRO C 105 4.04 -11.51 -11.33
C PRO C 105 4.37 -10.87 -12.67
N GLU C 106 5.06 -9.73 -12.62
CA GLU C 106 5.44 -9.00 -13.82
C GLU C 106 6.32 -9.90 -14.72
N ALA C 107 7.35 -10.51 -14.13
CA ALA C 107 8.26 -11.36 -14.89
C ALA C 107 7.52 -12.58 -15.45
N ALA C 108 6.70 -13.22 -14.60
CA ALA C 108 5.88 -14.35 -15.01
C ALA C 108 5.05 -13.98 -16.24
N ALA C 109 4.46 -12.78 -16.22
CA ALA C 109 3.58 -12.31 -17.28
C ALA C 109 4.32 -12.24 -18.62
N LEU C 110 5.49 -11.60 -18.64
CA LEU C 110 6.28 -11.48 -19.87
C LEU C 110 6.77 -12.86 -20.31
N ARG C 111 7.07 -13.74 -19.36
CA ARG C 111 7.56 -15.08 -19.70
C ARG C 111 6.46 -15.90 -20.36
N GLU C 112 5.29 -15.95 -19.72
CA GLU C 112 4.15 -16.71 -20.22
C GLU C 112 3.79 -16.25 -21.63
N LEU C 113 3.71 -14.92 -21.81
CA LEU C 113 3.26 -14.35 -23.06
C LEU C 113 4.22 -14.76 -24.18
N GLU C 114 5.52 -14.63 -23.92
CA GLU C 114 6.54 -14.99 -24.91
C GLU C 114 6.49 -16.49 -25.18
N GLU C 115 6.35 -17.30 -24.13
CA GLU C 115 6.28 -18.74 -24.28
C GLU C 115 5.09 -19.13 -25.16
N GLU C 116 3.92 -18.56 -24.86
CA GLU C 116 2.68 -19.00 -25.46
C GLU C 116 2.48 -18.42 -26.85
N THR C 117 2.98 -17.19 -27.09
CA THR C 117 2.63 -16.45 -28.29
C THR C 117 3.85 -16.00 -29.09
N GLY C 118 5.02 -15.90 -28.44
CA GLY C 118 6.23 -15.42 -29.12
C GLY C 118 6.41 -13.92 -28.98
N TYR C 119 5.37 -13.20 -28.55
CA TYR C 119 5.41 -11.75 -28.45
C TYR C 119 6.26 -11.33 -27.26
N LYS C 120 7.04 -10.24 -27.47
CA LYS C 120 7.83 -9.60 -26.44
C LYS C 120 7.17 -8.27 -26.10
N GLY C 121 6.65 -8.17 -24.87
CA GLY C 121 5.82 -7.04 -24.47
C GLY C 121 6.46 -6.24 -23.34
N ASP C 122 5.75 -5.19 -22.92
CA ASP C 122 6.16 -4.31 -21.84
C ASP C 122 5.03 -4.26 -20.82
N ILE C 123 5.39 -4.25 -19.53
CA ILE C 123 4.40 -4.16 -18.47
C ILE C 123 3.73 -2.78 -18.54
N ALA C 124 2.41 -2.75 -18.40
CA ALA C 124 1.65 -1.51 -18.35
C ALA C 124 1.06 -1.30 -16.95
N GLU C 125 0.44 -2.34 -16.41
N GLU C 125 0.43 -2.34 -16.40
CA GLU C 125 -0.17 -2.30 -15.09
CA GLU C 125 -0.15 -2.27 -15.07
C GLU C 125 -0.32 -3.72 -14.55
C GLU C 125 -0.38 -3.70 -14.55
N CYS C 126 -0.30 -3.85 -13.22
CA CYS C 126 -0.46 -5.13 -12.56
C CYS C 126 -1.47 -5.01 -11.43
N SER C 127 -2.45 -5.92 -11.40
CA SER C 127 -3.54 -5.88 -10.45
C SER C 127 -3.09 -6.44 -9.10
N PRO C 128 -3.87 -6.21 -8.02
CA PRO C 128 -3.74 -7.02 -6.81
C PRO C 128 -4.18 -8.45 -7.10
N ALA C 129 -3.83 -9.38 -6.22
CA ALA C 129 -4.33 -10.74 -6.31
C ALA C 129 -5.86 -10.70 -6.33
N VAL C 130 -6.46 -11.34 -7.34
CA VAL C 130 -7.90 -11.42 -7.49
C VAL C 130 -8.27 -12.89 -7.65
N CYS C 131 -9.48 -13.26 -7.18
CA CYS C 131 -9.85 -14.66 -7.08
C CYS C 131 -10.59 -15.13 -8.34
N MET C 132 -10.26 -16.36 -8.76
CA MET C 132 -10.74 -16.95 -9.99
C MET C 132 -12.17 -17.46 -9.84
N ASP C 133 -12.48 -18.04 -8.68
CA ASP C 133 -13.78 -18.66 -8.45
C ASP C 133 -13.95 -18.86 -6.95
N PRO C 134 -14.32 -17.81 -6.18
CA PRO C 134 -14.22 -17.84 -4.72
C PRO C 134 -15.25 -18.75 -4.02
N GLY C 135 -16.29 -19.15 -4.76
CA GLY C 135 -17.25 -20.13 -4.26
C GLY C 135 -16.65 -21.53 -4.19
N LEU C 136 -15.60 -21.79 -4.98
CA LEU C 136 -15.10 -23.13 -5.19
C LEU C 136 -13.65 -23.28 -4.73
N SER C 137 -12.79 -22.32 -5.08
CA SER C 137 -11.35 -22.46 -4.88
C SER C 137 -10.78 -21.25 -4.14
N ASN C 138 -9.52 -21.38 -3.72
CA ASN C 138 -8.76 -20.27 -3.16
C ASN C 138 -7.87 -19.66 -4.23
N CYS C 139 -8.12 -19.99 -5.50
CA CYS C 139 -7.21 -19.63 -6.57
C CYS C 139 -7.26 -18.12 -6.80
N THR C 140 -6.06 -17.53 -6.87
CA THR C 140 -5.90 -16.10 -7.12
C THR C 140 -4.87 -15.90 -8.21
N ILE C 141 -5.04 -14.80 -8.96
CA ILE C 141 -4.10 -14.42 -10.01
C ILE C 141 -3.83 -12.93 -9.89
N HIS C 142 -2.74 -12.49 -10.56
CA HIS C 142 -2.59 -11.11 -10.96
C HIS C 142 -2.98 -10.99 -12.43
N ILE C 143 -3.85 -10.02 -12.73
CA ILE C 143 -4.12 -9.65 -14.11
C ILE C 143 -3.12 -8.57 -14.49
N VAL C 144 -2.18 -8.94 -15.38
CA VAL C 144 -1.14 -8.03 -15.82
C VAL C 144 -1.46 -7.59 -17.25
N THR C 145 -1.63 -6.26 -17.43
CA THR C 145 -1.79 -5.67 -18.74
C THR C 145 -0.40 -5.43 -19.34
N VAL C 146 -0.16 -6.04 -20.51
CA VAL C 146 1.11 -5.95 -21.21
C VAL C 146 0.88 -5.38 -22.61
N THR C 147 1.65 -4.34 -22.98
CA THR C 147 1.58 -3.79 -24.32
C THR C 147 2.64 -4.48 -25.19
N ILE C 148 2.27 -4.73 -26.46
CA ILE C 148 3.16 -5.33 -27.44
C ILE C 148 3.35 -4.32 -28.57
N ASN C 149 4.59 -3.85 -28.74
CA ASN C 149 4.92 -2.99 -29.86
C ASN C 149 4.96 -3.85 -31.11
N GLY C 150 3.85 -3.84 -31.87
CA GLY C 150 3.73 -4.65 -33.08
C GLY C 150 4.46 -4.05 -34.28
N ASP C 151 5.19 -2.96 -34.09
CA ASP C 151 5.96 -2.35 -35.17
C ASP C 151 7.46 -2.55 -34.97
N ASP C 152 7.86 -3.31 -33.94
CA ASP C 152 9.25 -3.73 -33.82
C ASP C 152 9.42 -4.99 -34.66
N ALA C 153 10.65 -5.21 -35.14
CA ALA C 153 10.99 -6.39 -35.92
C ALA C 153 10.94 -7.64 -35.04
N GLU C 154 11.30 -7.49 -33.76
CA GLU C 154 11.10 -8.53 -32.77
C GLU C 154 9.77 -9.25 -32.96
N ASN C 155 8.69 -8.46 -33.05
CA ASN C 155 7.33 -9.00 -33.01
C ASN C 155 6.75 -9.15 -34.41
N ALA C 156 7.60 -9.03 -35.44
CA ALA C 156 7.19 -9.24 -36.82
C ALA C 156 6.89 -10.73 -37.04
N ARG C 157 7.83 -11.59 -36.64
CA ARG C 157 7.65 -13.03 -36.76
C ARG C 157 7.84 -13.65 -35.37
N PRO C 158 6.81 -13.60 -34.49
CA PRO C 158 6.95 -14.05 -33.11
C PRO C 158 7.24 -15.54 -32.99
N LYS C 159 8.16 -15.89 -32.08
CA LYS C 159 8.68 -17.25 -31.95
C LYS C 159 8.28 -17.83 -30.60
N PRO C 160 7.15 -18.57 -30.51
CA PRO C 160 6.72 -19.21 -29.27
C PRO C 160 7.63 -20.39 -28.89
N LYS C 161 7.78 -20.62 -27.58
CA LYS C 161 8.57 -21.73 -27.09
C LYS C 161 7.77 -22.46 -26.01
N PRO C 162 6.83 -23.35 -26.41
CA PRO C 162 6.06 -24.14 -25.45
C PRO C 162 6.83 -25.36 -24.96
N GLY C 163 6.53 -25.79 -23.72
CA GLY C 163 7.03 -27.05 -23.20
C GLY C 163 6.31 -28.22 -23.85
N ASP C 164 6.66 -29.45 -23.44
CA ASP C 164 5.95 -30.63 -23.93
C ASP C 164 4.60 -30.66 -23.23
N GLY C 165 3.54 -30.99 -23.99
CA GLY C 165 2.19 -31.03 -23.46
C GLY C 165 1.39 -29.76 -23.74
N GLU C 166 2.09 -28.65 -24.02
CA GLU C 166 1.46 -27.38 -24.32
C GLU C 166 1.21 -27.28 -25.83
N PHE C 167 -0.07 -27.13 -26.22
CA PHE C 167 -0.44 -26.99 -27.62
C PHE C 167 -1.37 -25.80 -27.78
N VAL C 168 -0.84 -24.71 -28.38
CA VAL C 168 -1.41 -23.38 -28.25
C VAL C 168 -1.59 -22.77 -29.63
N GLU C 169 -2.80 -22.28 -29.92
CA GLU C 169 -3.08 -21.51 -31.12
C GLU C 169 -3.32 -20.06 -30.73
N VAL C 170 -2.69 -19.13 -31.46
CA VAL C 170 -2.75 -17.71 -31.13
C VAL C 170 -3.80 -17.04 -32.02
N ILE C 171 -4.56 -16.12 -31.42
CA ILE C 171 -5.69 -15.46 -32.06
C ILE C 171 -5.71 -14.00 -31.61
N SER C 172 -5.53 -13.07 -32.55
CA SER C 172 -5.63 -11.64 -32.28
C SER C 172 -7.00 -11.12 -32.70
N LEU C 173 -7.73 -10.50 -31.76
CA LEU C 173 -9.03 -9.92 -32.07
C LEU C 173 -9.00 -8.42 -31.75
N PRO C 174 -9.60 -7.56 -32.61
CA PRO C 174 -9.62 -6.11 -32.38
C PRO C 174 -10.35 -5.72 -31.09
N LYS C 175 -9.70 -4.85 -30.30
CA LYS C 175 -10.23 -4.40 -29.03
C LYS C 175 -11.61 -3.76 -29.21
N ASN C 176 -11.79 -3.02 -30.30
CA ASN C 176 -13.00 -2.23 -30.50
C ASN C 176 -14.11 -3.08 -31.12
N ASP C 177 -13.94 -4.40 -31.20
CA ASP C 177 -15.01 -5.26 -31.68
C ASP C 177 -14.87 -6.66 -31.06
N LEU C 178 -14.42 -6.70 -29.79
CA LEU C 178 -13.96 -7.96 -29.20
C LEU C 178 -15.15 -8.90 -28.98
N LEU C 179 -16.22 -8.39 -28.37
CA LEU C 179 -17.36 -9.21 -27.99
C LEU C 179 -17.98 -9.88 -29.23
N GLN C 180 -18.23 -9.10 -30.28
CA GLN C 180 -18.88 -9.64 -31.47
C GLN C 180 -17.98 -10.66 -32.18
N ARG C 181 -16.66 -10.45 -32.14
CA ARG C 181 -15.72 -11.36 -32.78
C ARG C 181 -15.56 -12.64 -31.96
N LEU C 182 -15.77 -12.55 -30.64
CA LEU C 182 -15.80 -13.71 -29.77
C LEU C 182 -17.07 -14.51 -30.03
N ASP C 183 -18.23 -13.82 -30.00
CA ASP C 183 -19.52 -14.42 -30.31
C ASP C 183 -19.44 -15.17 -31.64
N ALA C 184 -18.73 -14.59 -32.62
CA ALA C 184 -18.59 -15.20 -33.93
C ALA C 184 -17.88 -16.54 -33.82
N LEU C 185 -16.64 -16.54 -33.29
CA LEU C 185 -15.85 -17.75 -33.15
C LEU C 185 -16.65 -18.87 -32.49
N VAL C 186 -17.42 -18.51 -31.46
CA VAL C 186 -18.23 -19.47 -30.70
C VAL C 186 -19.24 -20.15 -31.62
N ALA C 187 -19.76 -19.43 -32.62
CA ALA C 187 -20.80 -19.95 -33.51
C ALA C 187 -20.18 -20.88 -34.55
N GLU C 188 -18.93 -20.57 -34.95
CA GLU C 188 -18.22 -21.31 -36.00
CA GLU C 188 -18.25 -21.32 -36.00
C GLU C 188 -17.69 -22.63 -35.45
N GLU C 189 -17.45 -22.69 -34.12
CA GLU C 189 -16.80 -23.85 -33.52
C GLU C 189 -17.51 -24.29 -32.23
N HIS C 190 -17.17 -25.49 -31.75
CA HIS C 190 -17.52 -25.94 -30.41
C HIS C 190 -16.42 -25.49 -29.46
N LEU C 191 -16.68 -24.38 -28.75
CA LEU C 191 -15.62 -23.55 -28.22
C LEU C 191 -16.16 -22.72 -27.06
N THR C 192 -15.43 -22.69 -25.94
CA THR C 192 -15.82 -21.92 -24.76
C THR C 192 -14.88 -20.73 -24.57
N VAL C 193 -15.45 -19.53 -24.39
CA VAL C 193 -14.66 -18.37 -24.05
C VAL C 193 -14.50 -18.33 -22.53
N ASP C 194 -13.35 -17.83 -22.06
CA ASP C 194 -13.07 -17.68 -20.64
C ASP C 194 -13.92 -16.54 -20.09
N ALA C 195 -14.34 -16.68 -18.82
CA ALA C 195 -15.26 -15.74 -18.21
C ALA C 195 -14.63 -14.35 -18.03
N ARG C 196 -13.30 -14.29 -17.85
CA ARG C 196 -12.61 -13.02 -17.63
CA ARG C 196 -12.63 -13.01 -17.64
C ARG C 196 -12.45 -12.30 -18.98
N VAL C 197 -12.18 -13.07 -20.04
CA VAL C 197 -12.09 -12.52 -21.37
C VAL C 197 -13.45 -11.92 -21.75
N TYR C 198 -14.52 -12.65 -21.43
CA TYR C 198 -15.86 -12.22 -21.81
C TYR C 198 -16.27 -11.01 -20.97
N SER C 199 -15.94 -11.01 -19.68
CA SER C 199 -16.21 -9.85 -18.83
C SER C 199 -15.48 -8.63 -19.39
N TYR C 200 -14.23 -8.83 -19.81
CA TYR C 200 -13.45 -7.76 -20.38
C TYR C 200 -14.16 -7.24 -21.63
N ALA C 201 -14.65 -8.16 -22.47
CA ALA C 201 -15.28 -7.80 -23.73
C ALA C 201 -16.57 -7.01 -23.49
N LEU C 202 -17.39 -7.46 -22.54
CA LEU C 202 -18.63 -6.78 -22.19
C LEU C 202 -18.36 -5.31 -21.86
N ALA C 203 -17.43 -5.07 -20.93
CA ALA C 203 -17.14 -3.72 -20.45
C ALA C 203 -16.62 -2.82 -21.57
N LEU C 204 -15.94 -3.40 -22.57
CA LEU C 204 -15.48 -2.64 -23.73
C LEU C 204 -16.69 -2.08 -24.47
N LYS C 205 -17.73 -2.93 -24.61
CA LYS C 205 -18.97 -2.54 -25.25
C LYS C 205 -19.71 -1.50 -24.40
N HIS C 206 -19.73 -1.69 -23.08
CA HIS C 206 -20.59 -0.90 -22.20
C HIS C 206 -19.99 0.47 -21.89
N ALA C 207 -18.69 0.67 -22.17
CA ALA C 207 -17.96 1.81 -21.64
C ALA C 207 -18.51 3.12 -22.20
N ASN C 208 -18.63 4.13 -21.33
CA ASN C 208 -19.13 5.44 -21.69
C ASN C 208 -17.96 6.41 -21.93
N LYS D 14 -6.26 -32.65 -33.60
CA LYS D 14 -7.45 -32.46 -32.71
C LYS D 14 -7.38 -33.44 -31.55
N GLN D 15 -7.77 -32.96 -30.35
CA GLN D 15 -7.58 -33.68 -29.11
C GLN D 15 -8.93 -34.18 -28.59
N TYR D 16 -8.88 -35.24 -27.78
CA TYR D 16 -10.05 -36.01 -27.39
C TYR D 16 -9.90 -36.44 -25.93
N ILE D 17 -11.03 -36.48 -25.21
CA ILE D 17 -11.09 -37.13 -23.90
C ILE D 17 -11.21 -38.64 -24.13
N ILE D 18 -10.32 -39.40 -23.50
CA ILE D 18 -10.26 -40.85 -23.64
C ILE D 18 -11.09 -41.51 -22.54
N SER D 19 -10.86 -41.11 -21.29
CA SER D 19 -11.63 -41.61 -20.16
C SER D 19 -11.53 -40.65 -18.98
N GLU D 20 -12.48 -40.78 -18.05
CA GLU D 20 -12.53 -39.99 -16.83
C GLU D 20 -12.72 -40.96 -15.67
N GLU D 21 -11.86 -40.85 -14.66
CA GLU D 21 -11.88 -41.71 -13.48
C GLU D 21 -12.26 -40.85 -12.27
N LEU D 22 -13.23 -41.32 -11.49
CA LEU D 22 -13.66 -40.65 -10.27
C LEU D 22 -12.62 -40.91 -9.18
N ILE D 23 -12.13 -39.85 -8.53
CA ILE D 23 -11.18 -39.97 -7.42
C ILE D 23 -11.91 -39.71 -6.11
N SER D 24 -12.57 -38.55 -5.99
CA SER D 24 -13.30 -38.23 -4.78
C SER D 24 -14.55 -37.41 -5.13
N GLU D 25 -15.69 -37.79 -4.53
CA GLU D 25 -16.96 -37.15 -4.82
C GLU D 25 -17.59 -36.68 -3.51
N GLY D 26 -17.90 -35.38 -3.45
CA GLY D 26 -18.59 -34.80 -2.30
C GLY D 26 -20.03 -34.46 -2.67
N LYS D 27 -20.67 -33.65 -1.81
CA LYS D 27 -22.04 -33.22 -2.02
C LYS D 27 -22.10 -32.21 -3.18
N TRP D 28 -21.12 -31.32 -3.26
CA TRP D 28 -21.14 -30.20 -4.20
C TRP D 28 -20.02 -30.27 -5.24
N VAL D 29 -18.91 -30.95 -4.91
CA VAL D 29 -17.68 -30.88 -5.68
C VAL D 29 -17.11 -32.29 -5.83
N LYS D 30 -16.35 -32.54 -6.91
CA LYS D 30 -15.65 -33.81 -7.08
C LYS D 30 -14.35 -33.63 -7.85
N LEU D 31 -13.48 -34.64 -7.72
CA LEU D 31 -12.17 -34.64 -8.36
C LEU D 31 -12.05 -35.87 -9.25
N GLU D 32 -11.44 -35.71 -10.42
CA GLU D 32 -11.32 -36.78 -11.39
C GLU D 32 -9.91 -36.80 -11.99
N LYS D 33 -9.42 -38.02 -12.28
CA LYS D 33 -8.30 -38.20 -13.18
C LYS D 33 -8.85 -38.22 -14.60
N THR D 34 -8.32 -37.35 -15.47
CA THR D 34 -8.77 -37.26 -16.85
C THR D 34 -7.66 -37.76 -17.77
N THR D 35 -8.03 -38.65 -18.70
CA THR D 35 -7.11 -39.15 -19.71
C THR D 35 -7.51 -38.57 -21.07
N TYR D 36 -6.55 -37.99 -21.78
CA TYR D 36 -6.85 -37.34 -23.05
C TYR D 36 -5.72 -37.58 -24.05
N MET D 37 -6.06 -37.50 -25.34
CA MET D 37 -5.12 -37.66 -26.43
C MET D 37 -4.65 -36.28 -26.89
N ASP D 38 -3.32 -36.05 -26.83
CA ASP D 38 -2.77 -34.80 -27.31
C ASP D 38 -2.75 -34.87 -28.85
N PRO D 39 -2.39 -33.78 -29.56
CA PRO D 39 -2.46 -33.76 -31.02
C PRO D 39 -1.55 -34.76 -31.73
N THR D 40 -0.40 -35.10 -31.11
CA THR D 40 0.57 -35.99 -31.73
C THR D 40 0.11 -37.44 -31.64
N GLY D 41 -0.86 -37.73 -30.77
CA GLY D 41 -1.35 -39.08 -30.54
C GLY D 41 -1.00 -39.57 -29.13
N LYS D 42 -0.03 -38.90 -28.49
CA LYS D 42 0.43 -39.27 -27.16
C LYS D 42 -0.69 -39.05 -26.15
N THR D 43 -0.98 -40.09 -25.35
CA THR D 43 -2.03 -40.03 -24.36
C THR D 43 -1.45 -39.48 -23.05
N ARG D 44 -2.22 -38.60 -22.38
CA ARG D 44 -1.74 -37.85 -21.23
C ARG D 44 -2.81 -37.80 -20.15
N THR D 45 -2.47 -37.22 -18.99
CA THR D 45 -3.34 -37.19 -17.84
C THR D 45 -3.52 -35.77 -17.32
N TRP D 46 -4.59 -35.56 -16.55
CA TRP D 46 -4.92 -34.26 -15.98
C TRP D 46 -5.83 -34.44 -14.76
N GLU D 47 -5.64 -33.60 -13.75
CA GLU D 47 -6.47 -33.60 -12.55
C GLU D 47 -7.55 -32.53 -12.69
N SER D 48 -8.82 -32.93 -12.65
CA SER D 48 -9.94 -32.09 -13.04
C SER D 48 -10.96 -31.97 -11.90
N VAL D 49 -11.41 -30.74 -11.63
CA VAL D 49 -12.44 -30.48 -10.64
C VAL D 49 -13.77 -30.28 -11.36
N LYS D 50 -14.88 -30.70 -10.74
CA LYS D 50 -16.20 -30.52 -11.29
C LYS D 50 -17.22 -30.35 -10.17
N ARG D 51 -18.29 -29.58 -10.45
CA ARG D 51 -19.44 -29.55 -9.57
C ARG D 51 -20.28 -30.80 -9.82
N THR D 52 -21.06 -31.20 -8.82
CA THR D 52 -21.82 -32.44 -8.88
C THR D 52 -23.30 -32.13 -9.10
N THR D 53 -23.60 -30.89 -9.49
CA THR D 53 -24.97 -30.37 -9.43
C THR D 53 -25.52 -30.06 -10.82
N ARG D 54 -24.69 -30.10 -11.88
CA ARG D 54 -25.19 -29.77 -13.21
C ARG D 54 -26.00 -30.95 -13.72
N LYS D 55 -27.27 -30.68 -14.07
CA LYS D 55 -28.11 -31.66 -14.77
C LYS D 55 -28.03 -31.35 -16.26
N GLU D 56 -29.12 -30.80 -16.83
CA GLU D 56 -29.21 -30.58 -18.27
C GLU D 56 -29.07 -29.09 -18.60
N GLN D 57 -28.64 -28.29 -17.62
CA GLN D 57 -28.44 -26.86 -17.82
C GLN D 57 -27.24 -26.64 -18.76
N THR D 58 -27.28 -25.51 -19.47
CA THR D 58 -26.19 -25.09 -20.35
C THR D 58 -24.98 -24.67 -19.52
N ALA D 59 -25.23 -24.23 -18.28
CA ALA D 59 -24.15 -23.83 -17.38
C ALA D 59 -24.50 -24.28 -15.96
N ASP D 60 -23.48 -24.22 -15.09
CA ASP D 60 -23.67 -24.46 -13.68
C ASP D 60 -24.48 -23.31 -13.07
N GLY D 61 -24.10 -22.08 -13.42
CA GLY D 61 -24.63 -20.91 -12.73
C GLY D 61 -24.76 -19.67 -13.61
N VAL D 62 -25.13 -18.57 -12.97
CA VAL D 62 -25.12 -17.24 -13.58
C VAL D 62 -24.37 -16.30 -12.65
N ALA D 63 -23.71 -15.30 -13.26
CA ALA D 63 -23.23 -14.12 -12.56
C ALA D 63 -23.94 -12.91 -13.17
N VAL D 64 -24.34 -11.96 -12.32
CA VAL D 64 -25.12 -10.83 -12.79
C VAL D 64 -24.25 -9.58 -12.77
N ILE D 65 -24.22 -8.87 -13.91
CA ILE D 65 -23.69 -7.53 -13.97
C ILE D 65 -24.87 -6.56 -13.86
N PRO D 66 -25.17 -6.04 -12.64
CA PRO D 66 -26.32 -5.18 -12.41
C PRO D 66 -25.98 -3.69 -12.47
N VAL D 67 -26.55 -3.00 -13.47
CA VAL D 67 -26.29 -1.60 -13.71
C VAL D 67 -27.48 -0.78 -13.20
N LEU D 68 -27.29 -0.06 -12.08
CA LEU D 68 -28.34 0.76 -11.51
C LEU D 68 -28.39 2.11 -12.23
N GLN D 69 -29.49 2.36 -12.93
CA GLN D 69 -29.63 3.54 -13.78
C GLN D 69 -30.68 4.48 -13.20
N ARG D 70 -30.34 5.77 -13.16
CA ARG D 70 -31.27 6.82 -12.78
C ARG D 70 -31.12 7.99 -13.76
N THR D 71 -32.23 8.68 -14.04
CA THR D 71 -32.21 9.81 -14.95
C THR D 71 -31.38 10.94 -14.35
N LEU D 72 -30.58 11.59 -15.20
CA LEU D 72 -29.70 12.68 -14.80
C LEU D 72 -28.66 12.22 -13.78
N HIS D 73 -28.33 10.92 -13.80
CA HIS D 73 -27.38 10.35 -12.84
C HIS D 73 -26.34 9.50 -13.58
N TYR D 74 -25.20 9.30 -12.92
CA TYR D 74 -24.22 8.31 -13.34
C TYR D 74 -24.73 6.93 -12.96
N GLU D 75 -24.27 5.92 -13.70
CA GLU D 75 -24.67 4.54 -13.47
C GLU D 75 -23.87 3.98 -12.30
N CYS D 76 -24.46 3.01 -11.59
CA CYS D 76 -23.81 2.33 -10.49
C CYS D 76 -23.76 0.83 -10.78
N ILE D 77 -22.63 0.20 -10.42
CA ILE D 77 -22.49 -1.25 -10.50
C ILE D 77 -22.73 -1.83 -9.11
N VAL D 78 -23.73 -2.72 -9.00
CA VAL D 78 -24.09 -3.32 -7.73
C VAL D 78 -23.29 -4.60 -7.54
N LEU D 79 -22.46 -4.61 -6.49
CA LEU D 79 -21.63 -5.75 -6.14
C LEU D 79 -22.10 -6.31 -4.80
N VAL D 80 -21.60 -7.49 -4.43
CA VAL D 80 -21.95 -8.11 -3.16
C VAL D 80 -20.68 -8.58 -2.48
N LYS D 81 -20.70 -8.53 -1.14
CA LYS D 81 -19.58 -8.92 -0.31
C LYS D 81 -20.01 -10.09 0.57
N GLN D 82 -19.25 -11.19 0.53
CA GLN D 82 -19.56 -12.40 1.28
C GLN D 82 -18.28 -13.03 1.80
N PHE D 83 -18.36 -13.63 3.00
CA PHE D 83 -17.34 -14.55 3.46
C PHE D 83 -17.39 -15.79 2.57
N ARG D 84 -16.23 -16.15 1.99
CA ARG D 84 -16.13 -17.28 1.10
C ARG D 84 -15.19 -18.32 1.72
N PRO D 85 -15.73 -19.41 2.32
CA PRO D 85 -14.91 -20.42 3.00
C PRO D 85 -13.66 -20.88 2.25
N PRO D 86 -13.72 -21.17 0.93
CA PRO D 86 -12.52 -21.57 0.20
C PRO D 86 -11.40 -20.52 0.23
N MET D 87 -11.80 -19.23 0.26
CA MET D 87 -10.85 -18.13 0.23
C MET D 87 -10.36 -17.83 1.64
N GLY D 88 -11.17 -18.17 2.65
CA GLY D 88 -10.82 -17.95 4.05
C GLY D 88 -11.05 -16.50 4.47
N GLY D 89 -11.82 -15.76 3.66
CA GLY D 89 -12.04 -14.35 3.87
C GLY D 89 -13.17 -13.82 2.99
N TYR D 90 -13.44 -12.52 3.10
CA TYR D 90 -14.51 -11.88 2.34
C TYR D 90 -14.04 -11.60 0.92
N CYS D 91 -15.02 -11.50 0.01
CA CYS D 91 -14.76 -11.27 -1.41
C CYS D 91 -15.84 -10.35 -1.98
N ILE D 92 -15.44 -9.46 -2.89
CA ILE D 92 -16.38 -8.62 -3.62
C ILE D 92 -16.60 -9.23 -5.00
N GLU D 93 -17.88 -9.51 -5.32
CA GLU D 93 -18.25 -10.28 -6.50
C GLU D 93 -19.49 -9.68 -7.15
N PHE D 94 -19.73 -10.08 -8.40
CA PHE D 94 -21.04 -9.96 -9.02
C PHE D 94 -21.99 -10.92 -8.33
N PRO D 95 -23.30 -10.59 -8.19
CA PRO D 95 -24.27 -11.54 -7.65
C PRO D 95 -24.26 -12.79 -8.53
N ALA D 96 -24.19 -13.96 -7.91
CA ALA D 96 -24.00 -15.20 -8.63
C ALA D 96 -24.64 -16.35 -7.87
N GLY D 97 -24.86 -17.46 -8.59
CA GLY D 97 -25.42 -18.66 -7.98
C GLY D 97 -25.77 -19.72 -9.03
N LEU D 98 -26.20 -20.89 -8.54
CA LEU D 98 -26.58 -22.00 -9.40
C LEU D 98 -27.88 -21.67 -10.12
N ILE D 99 -28.00 -22.21 -11.34
CA ILE D 99 -29.27 -22.22 -12.05
C ILE D 99 -30.08 -23.41 -11.51
N ASP D 100 -31.34 -23.16 -11.15
CA ASP D 100 -32.23 -24.19 -10.65
C ASP D 100 -32.65 -25.09 -11.81
N ASP D 101 -32.91 -26.36 -11.50
CA ASP D 101 -33.32 -27.34 -12.50
C ASP D 101 -34.67 -26.91 -13.08
N GLY D 102 -34.68 -26.62 -14.39
CA GLY D 102 -35.88 -26.19 -15.09
C GLY D 102 -35.89 -24.69 -15.40
N GLU D 103 -34.92 -23.96 -14.84
CA GLU D 103 -34.91 -22.51 -14.82
C GLU D 103 -33.93 -22.00 -15.88
N THR D 104 -34.31 -20.93 -16.61
CA THR D 104 -33.47 -20.36 -17.64
C THR D 104 -32.38 -19.50 -17.01
N PRO D 105 -31.25 -19.25 -17.71
CA PRO D 105 -30.25 -18.30 -17.24
C PRO D 105 -30.86 -16.94 -16.88
N GLU D 106 -31.69 -16.40 -17.80
CA GLU D 106 -32.28 -15.09 -17.63
C GLU D 106 -33.07 -15.03 -16.31
N ALA D 107 -33.90 -16.06 -16.08
CA ALA D 107 -34.76 -16.11 -14.90
C ALA D 107 -33.92 -16.22 -13.63
N ALA D 108 -32.82 -16.98 -13.70
CA ALA D 108 -31.95 -17.20 -12.55
C ALA D 108 -31.22 -15.91 -12.18
N ALA D 109 -30.85 -15.11 -13.20
CA ALA D 109 -30.19 -13.84 -12.98
C ALA D 109 -31.08 -12.93 -12.12
N LEU D 110 -32.35 -12.78 -12.55
CA LEU D 110 -33.27 -11.88 -11.87
C LEU D 110 -33.58 -12.39 -10.46
N ARG D 111 -33.60 -13.71 -10.27
CA ARG D 111 -33.86 -14.31 -8.97
C ARG D 111 -32.72 -14.00 -8.01
N GLU D 112 -31.48 -14.32 -8.44
CA GLU D 112 -30.29 -14.16 -7.60
C GLU D 112 -30.08 -12.69 -7.24
N LEU D 113 -30.32 -11.80 -8.20
CA LEU D 113 -30.17 -10.37 -7.95
C LEU D 113 -31.15 -9.94 -6.85
N GLU D 114 -32.40 -10.39 -6.95
CA GLU D 114 -33.42 -10.04 -5.95
C GLU D 114 -33.12 -10.72 -4.62
N GLU D 115 -32.71 -11.99 -4.64
CA GLU D 115 -32.39 -12.69 -3.42
C GLU D 115 -31.23 -12.00 -2.70
N GLU D 116 -30.17 -11.70 -3.45
CA GLU D 116 -28.94 -11.23 -2.85
C GLU D 116 -29.01 -9.73 -2.57
N THR D 117 -29.58 -8.95 -3.50
CA THR D 117 -29.53 -7.50 -3.42
C THR D 117 -30.90 -6.93 -3.04
N GLY D 118 -31.97 -7.44 -3.66
CA GLY D 118 -33.31 -6.94 -3.44
C GLY D 118 -33.86 -6.18 -4.64
N TYR D 119 -33.01 -5.91 -5.64
CA TYR D 119 -33.40 -5.15 -6.81
C TYR D 119 -34.16 -6.03 -7.79
N LYS D 120 -35.10 -5.41 -8.51
CA LYS D 120 -35.86 -6.07 -9.56
C LYS D 120 -35.37 -5.55 -10.91
N GLY D 121 -34.78 -6.45 -11.71
CA GLY D 121 -33.99 -6.05 -12.86
C GLY D 121 -34.70 -6.33 -14.18
N ASP D 122 -34.04 -5.92 -15.27
CA ASP D 122 -34.48 -6.23 -16.62
C ASP D 122 -33.28 -6.79 -17.40
N ILE D 123 -33.55 -7.76 -18.29
CA ILE D 123 -32.50 -8.39 -19.07
C ILE D 123 -32.05 -7.41 -20.15
N ALA D 124 -30.72 -7.24 -20.28
CA ALA D 124 -30.13 -6.47 -21.35
C ALA D 124 -29.50 -7.41 -22.38
N GLU D 125 -28.67 -8.33 -21.88
N GLU D 125 -28.68 -8.34 -21.91
CA GLU D 125 -27.94 -9.29 -22.69
CA GLU D 125 -28.09 -9.35 -22.77
C GLU D 125 -27.73 -10.56 -21.88
C GLU D 125 -27.66 -10.54 -21.92
N CYS D 126 -27.57 -11.71 -22.56
CA CYS D 126 -27.15 -12.94 -21.93
C CYS D 126 -25.98 -13.53 -22.70
N SER D 127 -24.90 -13.88 -21.99
CA SER D 127 -23.74 -14.49 -22.63
C SER D 127 -24.02 -15.94 -22.96
N PRO D 128 -23.24 -16.57 -23.87
CA PRO D 128 -23.15 -18.03 -23.91
C PRO D 128 -22.38 -18.53 -22.70
N ALA D 129 -22.44 -19.84 -22.44
CA ALA D 129 -21.69 -20.44 -21.36
C ALA D 129 -20.21 -20.08 -21.52
N VAL D 130 -19.62 -19.53 -20.45
CA VAL D 130 -18.21 -19.20 -20.40
C VAL D 130 -17.59 -19.91 -19.18
N CYS D 131 -16.30 -20.24 -19.28
CA CYS D 131 -15.65 -21.10 -18.30
C CYS D 131 -14.97 -20.25 -17.22
N MET D 132 -15.06 -20.74 -15.98
CA MET D 132 -14.70 -19.96 -14.81
C MET D 132 -13.21 -20.09 -14.53
N ASP D 133 -12.68 -21.32 -14.65
CA ASP D 133 -11.27 -21.59 -14.48
C ASP D 133 -10.97 -22.86 -15.27
N PRO D 134 -10.82 -22.77 -16.61
CA PRO D 134 -10.81 -23.96 -17.47
C PRO D 134 -9.63 -24.90 -17.27
N GLY D 135 -8.51 -24.37 -16.74
CA GLY D 135 -7.34 -25.17 -16.42
C GLY D 135 -7.55 -26.08 -15.19
N LEU D 136 -8.56 -25.76 -14.37
CA LEU D 136 -8.80 -26.44 -13.11
C LEU D 136 -10.13 -27.20 -13.12
N SER D 137 -11.21 -26.52 -13.54
CA SER D 137 -12.54 -27.08 -13.43
C SER D 137 -13.24 -27.08 -14.79
N ASN D 138 -14.48 -27.60 -14.80
CA ASN D 138 -15.35 -27.54 -15.96
C ASN D 138 -16.46 -26.52 -15.72
N CYS D 139 -16.34 -25.75 -14.64
CA CYS D 139 -17.40 -24.86 -14.21
C CYS D 139 -17.69 -23.80 -15.26
N THR D 140 -18.97 -23.60 -15.55
CA THR D 140 -19.39 -22.62 -16.55
C THR D 140 -20.54 -21.78 -15.99
N ILE D 141 -20.59 -20.53 -16.43
CA ILE D 141 -21.68 -19.62 -16.07
C ILE D 141 -22.16 -18.92 -17.33
N HIS D 142 -23.36 -18.32 -17.23
CA HIS D 142 -23.75 -17.26 -18.13
C HIS D 142 -23.60 -15.93 -17.40
N ILE D 143 -22.85 -15.00 -18.01
CA ILE D 143 -22.78 -13.64 -17.52
C ILE D 143 -24.00 -12.90 -18.08
N VAL D 144 -24.84 -12.39 -17.18
CA VAL D 144 -26.08 -11.75 -17.57
C VAL D 144 -25.99 -10.28 -17.20
N THR D 145 -26.20 -9.41 -18.19
CA THR D 145 -26.19 -7.97 -17.98
C THR D 145 -27.61 -7.52 -17.67
N VAL D 146 -27.79 -6.86 -16.51
CA VAL D 146 -29.10 -6.53 -15.98
C VAL D 146 -29.14 -5.05 -15.59
N THR D 147 -30.06 -4.30 -16.22
CA THR D 147 -30.34 -2.93 -15.81
C THR D 147 -31.32 -2.93 -14.65
N ILE D 148 -31.11 -2.01 -13.69
CA ILE D 148 -32.01 -1.78 -12.58
C ILE D 148 -32.52 -0.35 -12.68
N ASN D 149 -33.84 -0.19 -12.85
CA ASN D 149 -34.45 1.12 -12.90
C ASN D 149 -34.56 1.68 -11.49
N GLY D 150 -33.59 2.51 -11.10
CA GLY D 150 -33.57 3.12 -9.78
C GLY D 150 -34.62 4.22 -9.61
N ASP D 151 -35.27 4.61 -10.72
CA ASP D 151 -36.36 5.57 -10.68
C ASP D 151 -37.67 4.87 -10.28
N ASP D 152 -37.87 3.66 -10.83
CA ASP D 152 -39.07 2.87 -10.57
C ASP D 152 -39.27 2.72 -9.07
N ALA D 153 -40.55 2.64 -8.67
CA ALA D 153 -40.93 2.61 -7.27
C ALA D 153 -40.45 1.31 -6.61
N GLU D 154 -40.49 0.21 -7.37
CA GLU D 154 -40.04 -1.10 -6.92
C GLU D 154 -38.73 -1.01 -6.14
N ASN D 155 -37.78 -0.23 -6.67
CA ASN D 155 -36.39 -0.31 -6.27
C ASN D 155 -36.04 0.77 -5.25
N ALA D 156 -37.05 1.54 -4.80
CA ALA D 156 -36.84 2.57 -3.80
C ALA D 156 -36.17 1.96 -2.56
N ARG D 157 -36.86 0.98 -1.94
CA ARG D 157 -36.31 0.23 -0.82
C ARG D 157 -36.13 -1.24 -1.22
N PRO D 158 -34.90 -1.68 -1.59
CA PRO D 158 -34.69 -3.07 -1.97
C PRO D 158 -34.70 -3.99 -0.75
N LYS D 159 -35.38 -5.13 -0.88
CA LYS D 159 -35.61 -6.03 0.25
C LYS D 159 -34.98 -7.39 -0.06
N PRO D 160 -33.71 -7.63 0.32
CA PRO D 160 -33.05 -8.90 0.05
C PRO D 160 -33.66 -10.07 0.80
N LYS D 161 -33.91 -11.17 0.08
CA LYS D 161 -34.48 -12.39 0.64
C LYS D 161 -33.41 -13.48 0.60
N PRO D 162 -32.41 -13.46 1.51
CA PRO D 162 -31.31 -14.42 1.46
C PRO D 162 -31.74 -15.81 1.90
N GLY D 163 -31.10 -16.83 1.30
CA GLY D 163 -31.34 -18.22 1.69
C GLY D 163 -30.52 -18.61 2.91
N ASP D 164 -30.80 -19.81 3.43
CA ASP D 164 -30.07 -20.36 4.57
C ASP D 164 -28.59 -20.40 4.22
N GLY D 165 -27.76 -19.80 5.09
CA GLY D 165 -26.32 -19.84 4.96
C GLY D 165 -25.77 -18.70 4.09
N GLU D 166 -26.66 -17.86 3.53
CA GLU D 166 -26.27 -16.78 2.64
C GLU D 166 -26.22 -15.47 3.42
N PHE D 167 -25.02 -14.93 3.62
CA PHE D 167 -24.81 -13.70 4.37
C PHE D 167 -24.12 -12.69 3.47
N VAL D 168 -24.89 -11.68 3.04
CA VAL D 168 -24.54 -10.88 1.88
C VAL D 168 -24.64 -9.39 2.25
N GLU D 169 -23.61 -8.62 1.89
CA GLU D 169 -23.64 -7.17 1.97
C GLU D 169 -23.61 -6.58 0.56
N VAL D 170 -24.48 -5.61 0.31
CA VAL D 170 -24.56 -4.94 -0.98
C VAL D 170 -23.61 -3.75 -0.98
N ILE D 171 -22.83 -3.62 -2.07
CA ILE D 171 -21.90 -2.52 -2.26
C ILE D 171 -22.13 -1.96 -3.66
N SER D 172 -22.60 -0.70 -3.74
CA SER D 172 -22.74 -0.01 -5.01
C SER D 172 -21.57 0.94 -5.23
N LEU D 173 -20.81 0.68 -6.29
CA LEU D 173 -19.70 1.53 -6.68
C LEU D 173 -20.05 2.25 -7.98
N PRO D 174 -19.51 3.47 -8.20
CA PRO D 174 -19.74 4.18 -9.46
C PRO D 174 -19.04 3.48 -10.62
N LYS D 175 -19.79 3.32 -11.73
CA LYS D 175 -19.28 2.73 -12.96
C LYS D 175 -18.06 3.49 -13.45
N ASN D 176 -18.08 4.82 -13.34
CA ASN D 176 -17.10 5.68 -13.98
C ASN D 176 -15.80 5.77 -13.18
N ASP D 177 -15.72 5.11 -12.01
CA ASP D 177 -14.50 5.09 -11.24
C ASP D 177 -14.29 3.70 -10.62
N LEU D 178 -14.88 2.68 -11.24
CA LEU D 178 -14.99 1.36 -10.63
C LEU D 178 -13.61 0.83 -10.25
N LEU D 179 -12.65 0.93 -11.17
CA LEU D 179 -11.34 0.34 -10.99
C LEU D 179 -10.64 0.96 -9.78
N GLN D 180 -10.63 2.30 -9.70
CA GLN D 180 -9.92 2.96 -8.62
C GLN D 180 -10.63 2.70 -7.29
N ARG D 181 -11.95 2.57 -7.31
CA ARG D 181 -12.70 2.30 -6.10
C ARG D 181 -12.41 0.87 -5.62
N LEU D 182 -12.29 -0.06 -6.56
CA LEU D 182 -11.93 -1.43 -6.22
C LEU D 182 -10.55 -1.47 -5.57
N ASP D 183 -9.56 -0.84 -6.22
CA ASP D 183 -8.19 -0.79 -5.70
C ASP D 183 -8.17 -0.22 -4.29
N ALA D 184 -8.97 0.83 -4.06
CA ALA D 184 -9.05 1.51 -2.77
C ALA D 184 -9.45 0.54 -1.67
N LEU D 185 -10.58 -0.16 -1.87
CA LEU D 185 -11.09 -1.13 -0.92
C LEU D 185 -10.03 -2.19 -0.58
N VAL D 186 -9.27 -2.63 -1.59
CA VAL D 186 -8.26 -3.67 -1.43
C VAL D 186 -7.11 -3.17 -0.56
N ALA D 187 -6.79 -1.88 -0.67
CA ALA D 187 -5.68 -1.29 0.05
C ALA D 187 -6.04 -1.01 1.51
N GLU D 188 -7.34 -0.85 1.77
CA GLU D 188 -7.84 -0.43 3.08
CA GLU D 188 -7.84 -0.43 3.08
C GLU D 188 -8.31 -1.63 3.88
N GLU D 189 -9.15 -2.49 3.27
CA GLU D 189 -9.88 -3.52 4.00
C GLU D 189 -9.37 -4.93 3.68
N HIS D 190 -9.61 -5.85 4.63
CA HIS D 190 -9.30 -7.26 4.47
C HIS D 190 -10.30 -7.87 3.50
N LEU D 191 -9.90 -7.97 2.22
CA LEU D 191 -10.81 -8.18 1.12
C LEU D 191 -10.05 -8.76 -0.07
N THR D 192 -10.76 -9.55 -0.88
CA THR D 192 -10.29 -9.93 -2.21
C THR D 192 -11.40 -9.62 -3.23
N VAL D 193 -11.04 -8.90 -4.29
CA VAL D 193 -11.94 -8.62 -5.39
C VAL D 193 -11.90 -9.81 -6.35
N ASP D 194 -13.04 -10.06 -7.01
CA ASP D 194 -13.21 -11.15 -7.97
C ASP D 194 -12.59 -10.76 -9.32
N ALA D 195 -12.10 -11.76 -10.04
CA ALA D 195 -11.32 -11.55 -11.27
C ALA D 195 -12.20 -11.06 -12.42
N ARG D 196 -13.45 -11.53 -12.48
CA ARG D 196 -14.39 -11.10 -13.50
CA ARG D 196 -14.37 -11.09 -13.52
C ARG D 196 -14.75 -9.63 -13.28
N VAL D 197 -14.95 -9.26 -12.01
CA VAL D 197 -15.27 -7.89 -11.63
C VAL D 197 -14.10 -6.97 -12.00
N TYR D 198 -12.87 -7.44 -11.74
CA TYR D 198 -11.70 -6.62 -11.97
C TYR D 198 -11.45 -6.49 -13.48
N SER D 199 -11.64 -7.59 -14.22
CA SER D 199 -11.55 -7.56 -15.67
C SER D 199 -12.55 -6.56 -16.26
N TYR D 200 -13.77 -6.54 -15.68
CA TYR D 200 -14.79 -5.59 -16.10
C TYR D 200 -14.27 -4.17 -15.90
N ALA D 201 -13.78 -3.89 -14.69
CA ALA D 201 -13.28 -2.58 -14.34
C ALA D 201 -12.15 -2.14 -15.26
N LEU D 202 -11.18 -3.04 -15.50
CA LEU D 202 -10.05 -2.74 -16.36
C LEU D 202 -10.55 -2.27 -17.73
N ALA D 203 -11.42 -3.06 -18.35
CA ALA D 203 -11.89 -2.81 -19.70
C ALA D 203 -12.55 -1.43 -19.79
N LEU D 204 -13.23 -0.98 -18.74
CA LEU D 204 -13.88 0.33 -18.74
C LEU D 204 -12.84 1.43 -18.95
N LYS D 205 -11.61 1.20 -18.46
CA LYS D 205 -10.53 2.14 -18.65
C LYS D 205 -9.88 1.95 -20.01
N HIS D 206 -9.75 0.68 -20.43
CA HIS D 206 -9.02 0.33 -21.64
C HIS D 206 -9.81 0.71 -22.90
N ALA D 207 -11.14 0.76 -22.80
CA ALA D 207 -11.96 1.14 -23.94
C ALA D 207 -11.56 2.53 -24.43
N ASN D 208 -11.72 2.78 -25.73
CA ASN D 208 -11.41 4.09 -26.30
C ASN D 208 -12.59 5.03 -26.10
C1 F2V E . 0.54 31.00 17.96
N1 F2V E . 1.69 31.78 17.50
C2 F2V E . 1.66 33.08 17.08
N2 F2V E . 2.82 33.57 16.70
C3 F2V E . 3.69 32.52 16.88
C4 F2V E . 3.02 31.40 17.38
C5 F2V E . 3.78 30.22 17.60
N3 F2V E . 3.36 29.05 18.10
C6 F2V E . 2.23 28.84 18.99
C7 F2V E . 2.62 27.54 19.63
C8 F2V E . 3.19 26.70 18.46
C9 F2V E . 4.10 27.81 17.91
C10 F2V E . 1.98 26.09 17.75
C11 F2V E . 2.59 24.81 17.22
N4 F2V E . 3.56 24.46 18.24
C12 F2V E . 4.27 23.24 18.26
C13 F2V E . 5.17 22.97 19.29
C14 F2V E . 5.84 21.76 19.30
CL1 F2V E . 6.96 21.48 20.60
C15 F2V E . 5.65 20.81 18.31
C16 F2V E . 6.37 19.50 18.34
F1 F2V E . 6.30 18.83 17.18
F2 F2V E . 7.67 19.63 18.58
F3 F2V E . 5.93 18.67 19.29
C17 F2V E . 4.74 21.09 17.29
C18 F2V E . 4.05 22.30 17.25
C19 F2V E . 3.67 25.48 19.27
N5 F2V E . 5.10 30.27 17.34
C20 F2V E . 5.64 31.41 16.86
N6 F2V E . 5.01 32.55 16.61
MG MG F . -2.47 21.96 18.66
C1 F2V G . 30.24 26.24 13.89
N1 F2V G . 29.41 27.17 14.63
C2 F2V G . 29.87 28.14 15.47
N2 F2V G . 28.93 28.86 16.04
C3 F2V G . 27.76 28.32 15.57
C4 F2V G . 28.03 27.28 14.68
C5 F2V G . 26.93 26.60 14.11
N3 F2V G . 26.94 25.60 13.23
C6 F2V G . 27.98 25.26 12.27
C7 F2V G . 27.18 24.48 11.26
C8 F2V G . 26.27 23.58 12.13
C9 F2V G . 25.77 24.76 13.00
C10 F2V G . 27.15 22.42 12.58
C11 F2V G . 26.16 21.27 12.61
N4 F2V G . 25.17 21.64 11.60
C12 F2V G . 24.08 20.85 11.25
C13 F2V G . 23.27 21.19 10.18
C14 F2V G . 22.20 20.38 9.84
CL1 F2V G . 21.22 20.86 8.48
C15 F2V G . 21.91 19.22 10.54
C16 F2V G . 20.77 18.32 10.17
F1 F2V G . 20.91 17.86 8.93
F2 F2V G . 20.64 17.25 10.94
F3 F2V G . 19.59 18.96 10.19
C17 F2V G . 22.74 18.88 11.62
C18 F2V G . 23.81 19.67 11.98
C19 F2V G . 25.46 22.94 10.98
N5 F2V G . 25.69 27.03 14.42
C20 F2V G . 25.55 28.05 15.29
N6 F2V G . 26.51 28.74 15.88
MG MG H . 29.92 16.82 10.20
MG MG I . 23.35 -11.41 10.42
MG MG J . 30.27 18.92 8.66
C1 F2V K . 0.46 -30.84 -16.33
N1 F2V K . -0.68 -31.41 -15.61
C2 F2V K . -0.97 -32.74 -15.55
N2 F2V K . -2.04 -33.03 -14.85
C3 F2V K . -2.49 -31.81 -14.41
C4 F2V K . -1.67 -30.78 -14.86
C5 F2V K . -2.01 -29.44 -14.50
N3 F2V K . -1.34 -28.31 -14.81
C6 F2V K . -0.05 -28.24 -15.49
C7 F2V K . 0.20 -26.76 -15.40
C8 F2V K . -1.20 -26.14 -15.68
C9 F2V K . -1.77 -26.94 -14.46
C10 F2V K . -0.81 -25.02 -16.68
C11 F2V K . -2.10 -24.35 -17.00
N4 F2V K . -2.37 -23.98 -15.64
C12 F2V K . -2.94 -22.77 -15.26
C13 F2V K . -2.73 -22.24 -13.99
C14 F2V K . -3.28 -21.01 -13.65
CL1 F2V K . -3.00 -20.39 -12.05
C15 F2V K . -4.06 -20.29 -14.56
C16 F2V K . -4.67 -18.96 -14.21
F1 F2V K . -5.38 -18.43 -15.22
F2 F2V K . -5.50 -19.03 -13.18
F3 F2V K . -3.76 -18.06 -13.90
C17 F2V K . -4.26 -20.83 -15.83
C18 F2V K . -3.71 -22.06 -16.19
C19 F2V K . -1.79 -25.01 -14.76
N5 F2V K . -3.09 -29.26 -13.72
C20 F2V K . -3.81 -30.34 -13.36
N6 F2V K . -3.59 -31.60 -13.65
MG MG L . 1.46 -21.62 -19.94
MG MG M . -4.27 8.44 -28.62
C1 F2V N . -23.75 -24.71 0.75
N1 F2V N . -22.54 -25.54 0.80
C2 F2V N . -22.16 -26.29 1.88
N2 F2V N . -21.02 -26.94 1.71
C3 F2V N . -20.63 -26.59 0.44
C4 F2V N . -21.57 -25.73 -0.15
C5 F2V N . -21.30 -25.27 -1.47
N3 F2V N . -22.05 -24.45 -2.22
C6 F2V N . -23.48 -24.17 -2.11
C7 F2V N . -23.76 -23.59 -3.46
C8 F2V N . -22.52 -22.67 -3.75
C9 F2V N . -21.54 -23.81 -3.43
C10 F2V N . -22.80 -21.37 -2.99
C11 F2V N . -22.19 -20.34 -3.92
N4 F2V N . -22.31 -20.95 -5.24
C12 F2V N . -21.89 -20.34 -6.42
C13 F2V N . -21.99 -21.02 -7.64
C14 F2V N . -21.57 -20.40 -8.79
CL1 F2V N . -21.72 -21.31 -10.28
C15 F2V N . -21.05 -19.11 -8.80
C16 F2V N . -20.61 -18.44 -10.07
F1 F2V N . -19.71 -19.16 -10.74
F2 F2V N . -21.62 -18.24 -10.91
F3 F2V N . -20.06 -17.25 -9.88
C17 F2V N . -20.95 -18.44 -7.58
C18 F2V N . -21.36 -19.04 -6.39
C19 F2V N . -22.94 -22.27 -5.18
N5 F2V N . -20.19 -25.72 -2.07
C20 F2V N . -19.37 -26.56 -1.41
N6 F2V N . -19.52 -27.03 -0.19
MG MG O . -27.11 -16.87 -3.90
#